data_6CK7
#
_entry.id   6CK7
#
_cell.length_a   44.650
_cell.length_b   132.060
_cell.length_c   90.380
_cell.angle_alpha   90.000
_cell.angle_beta   103.640
_cell.angle_gamma   90.000
#
_symmetry.space_group_name_H-M   'P 1 21 1'
#
loop_
_entity.id
_entity.type
_entity.pdbx_description
1 polymer 'Peptide deformylase'
2 non-polymer 'ZINC ION'
3 non-polymer ACTINONIN
4 non-polymer 'SULFATE ION'
5 water water
#
_entity_poly.entity_id   1
_entity_poly.type   'polypeptide(L)'
_entity_poly.pdbx_seq_one_letter_code
;MAHHHHHHMAIRKILYLPDERLRKIAKPVETFDESLQTLINDMFDTMYDARGVGLAAPQIGVSLRLSVIDIVGDKKEQIV
IVNPEIVSSHGEKEFEEGCLSVPGAYDTVVRAEKVTVKALDRFGKPFEITGEGLLAECLQHEIDHMNGKLFVDMLSPLKR
MMARRKLDKFKRLQARKP
;
_entity_poly.pdbx_strand_id   A,B,C,D
#
loop_
_chem_comp.id
_chem_comp.type
_chem_comp.name
_chem_comp.formula
BB2 non-polymer ACTINONIN 'C19 H35 N3 O5'
SO4 non-polymer 'SULFATE ION' 'O4 S -2'
ZN non-polymer 'ZINC ION' 'Zn 2'
#
# COMPACT_ATOMS: atom_id res chain seq x y z
N HIS A 7 -11.68 -12.00 -17.30
CA HIS A 7 -11.07 -13.12 -16.60
C HIS A 7 -10.71 -12.69 -15.18
N HIS A 8 -9.91 -11.63 -15.05
CA HIS A 8 -9.51 -11.08 -13.77
C HIS A 8 -10.08 -9.67 -13.61
N MET A 9 -10.37 -9.31 -12.36
CA MET A 9 -11.06 -8.05 -12.08
C MET A 9 -10.28 -7.18 -11.12
N ALA A 10 -10.12 -7.63 -9.88
CA ALA A 10 -9.34 -6.89 -8.90
C ALA A 10 -8.83 -7.82 -7.82
N ILE A 11 -7.59 -7.57 -7.39
CA ILE A 11 -7.16 -8.12 -6.10
C ILE A 11 -8.08 -7.58 -5.01
N ARG A 12 -8.49 -8.45 -4.10
CA ARG A 12 -9.52 -8.11 -3.13
C ARG A 12 -8.91 -7.83 -1.76
N LYS A 13 -9.60 -7.00 -0.98
CA LYS A 13 -9.20 -6.77 0.40
C LYS A 13 -9.50 -8.00 1.26
N ILE A 14 -8.50 -8.46 2.02
CA ILE A 14 -8.65 -9.57 2.95
C ILE A 14 -9.09 -9.00 4.29
N LEU A 15 -10.14 -9.59 4.87
CA LEU A 15 -10.68 -9.15 6.14
C LEU A 15 -9.89 -9.76 7.30
N TYR A 16 -9.74 -8.98 8.37
CA TYR A 16 -9.07 -9.44 9.58
C TYR A 16 -10.09 -9.57 10.69
N LEU A 17 -9.80 -10.46 11.64
CA LEU A 17 -10.55 -10.43 12.89
C LEU A 17 -10.50 -9.01 13.47
N PRO A 18 -11.58 -8.54 14.12
CA PRO A 18 -12.81 -9.28 14.46
C PRO A 18 -13.97 -9.12 13.49
N ASP A 19 -13.71 -8.84 12.21
CA ASP A 19 -14.80 -8.62 11.25
C ASP A 19 -15.82 -9.73 11.30
N GLU A 20 -17.09 -9.35 11.56
CA GLU A 20 -18.13 -10.35 11.73
C GLU A 20 -18.33 -11.22 10.51
N ARG A 21 -17.93 -10.77 9.32
CA ARG A 21 -18.12 -11.61 8.15
C ARG A 21 -17.25 -12.85 8.18
N LEU A 22 -16.17 -12.82 8.96
CA LEU A 22 -15.36 -14.00 9.14
C LEU A 22 -16.02 -15.05 10.01
N ARG A 23 -17.11 -14.71 10.70
CA ARG A 23 -17.80 -15.61 11.61
C ARG A 23 -19.11 -16.14 11.03
N LYS A 24 -19.46 -15.73 9.82
CA LYS A 24 -20.70 -16.21 9.20
C LYS A 24 -20.48 -17.60 8.63
N ILE A 25 -21.51 -18.44 8.70
CA ILE A 25 -21.46 -19.73 8.04
CA ILE A 25 -21.46 -19.73 8.04
C ILE A 25 -21.76 -19.51 6.57
N ALA A 26 -20.80 -19.86 5.70
CA ALA A 26 -20.95 -19.59 4.28
C ALA A 26 -21.99 -20.50 3.63
N LYS A 27 -22.61 -19.98 2.53
CA LYS A 27 -23.66 -20.62 1.77
C LYS A 27 -23.08 -21.41 0.61
N PRO A 28 -23.68 -22.56 0.26
CA PRO A 28 -23.17 -23.33 -0.86
C PRO A 28 -23.22 -22.55 -2.17
N VAL A 29 -22.23 -22.83 -3.03
CA VAL A 29 -22.29 -22.33 -4.40
C VAL A 29 -23.31 -23.14 -5.18
N GLU A 30 -24.19 -22.45 -5.91
CA GLU A 30 -25.17 -23.17 -6.69
C GLU A 30 -25.23 -22.72 -8.16
N THR A 31 -24.44 -21.73 -8.55
CA THR A 31 -24.38 -21.26 -9.94
C THR A 31 -22.93 -21.23 -10.40
N PHE A 32 -22.63 -21.97 -11.46
CA PHE A 32 -21.31 -21.96 -12.08
C PHE A 32 -21.42 -21.16 -13.37
N ASP A 33 -21.08 -19.87 -13.27
CA ASP A 33 -21.13 -18.98 -14.42
C ASP A 33 -19.84 -18.20 -14.53
N GLU A 34 -19.79 -17.23 -15.44
CA GLU A 34 -18.53 -16.51 -15.62
C GLU A 34 -18.17 -15.67 -14.41
N SER A 35 -19.17 -15.14 -13.66
CA SER A 35 -18.83 -14.34 -12.49
C SER A 35 -18.15 -15.17 -11.40
N LEU A 36 -18.51 -16.46 -11.30
CA LEU A 36 -17.80 -17.34 -10.39
C LEU A 36 -16.35 -17.51 -10.80
N GLN A 37 -16.10 -17.65 -12.11
CA GLN A 37 -14.73 -17.83 -12.59
C GLN A 37 -13.90 -16.58 -12.31
N THR A 38 -14.49 -15.41 -12.52
CA THR A 38 -13.80 -14.17 -12.18
C THR A 38 -13.48 -14.11 -10.69
N LEU A 39 -14.43 -14.51 -9.85
CA LEU A 39 -14.16 -14.54 -8.42
C LEU A 39 -13.00 -15.46 -8.09
N ILE A 40 -13.00 -16.66 -8.65
CA ILE A 40 -11.97 -17.64 -8.36
C ILE A 40 -10.60 -17.10 -8.80
N ASN A 41 -10.54 -16.52 -10.00
CA ASN A 41 -9.30 -15.93 -10.49
C ASN A 41 -8.81 -14.82 -9.56
N ASP A 42 -9.73 -13.96 -9.11
CA ASP A 42 -9.29 -12.89 -8.21
C ASP A 42 -8.87 -13.45 -6.87
N MET A 43 -9.52 -14.52 -6.41
CA MET A 43 -9.10 -15.15 -5.16
C MET A 43 -7.68 -15.70 -5.27
N PHE A 44 -7.35 -16.39 -6.38
CA PHE A 44 -5.97 -16.84 -6.55
C PHE A 44 -5.01 -15.66 -6.54
N ASP A 45 -5.31 -14.61 -7.30
CA ASP A 45 -4.47 -13.43 -7.32
C ASP A 45 -4.30 -12.86 -5.92
N THR A 46 -5.39 -12.79 -5.16
CA THR A 46 -5.35 -12.22 -3.82
C THR A 46 -4.52 -13.09 -2.89
N MET A 47 -4.69 -14.41 -2.98
CA MET A 47 -3.92 -15.34 -2.18
C MET A 47 -2.43 -15.20 -2.44
N TYR A 48 -2.03 -15.24 -3.72
CA TYR A 48 -0.59 -15.12 -4.01
C TYR A 48 -0.07 -13.75 -3.59
N ASP A 49 -0.84 -12.70 -3.85
CA ASP A 49 -0.38 -11.37 -3.49
C ASP A 49 -0.20 -11.21 -1.99
N ALA A 50 -0.93 -12.01 -1.20
CA ALA A 50 -0.84 -11.97 0.25
C ALA A 50 0.11 -13.03 0.80
N ARG A 51 0.84 -13.74 -0.07
CA ARG A 51 1.83 -14.75 0.33
CA ARG A 51 1.84 -14.75 0.34
C ARG A 51 1.20 -15.93 1.07
N GLY A 52 -0.03 -16.28 0.70
CA GLY A 52 -0.71 -17.42 1.29
C GLY A 52 -0.66 -18.65 0.38
N VAL A 53 -1.04 -19.79 0.95
CA VAL A 53 -1.19 -21.01 0.17
C VAL A 53 -2.64 -21.44 0.06
N GLY A 54 -3.56 -20.70 0.67
CA GLY A 54 -4.98 -20.93 0.49
C GLY A 54 -5.72 -19.65 0.79
N LEU A 55 -6.98 -19.61 0.37
CA LEU A 55 -7.84 -18.47 0.67
C LEU A 55 -9.28 -18.93 0.54
N ALA A 56 -10.10 -18.58 1.52
CA ALA A 56 -11.50 -18.95 1.52
C ALA A 56 -12.34 -17.71 1.25
N ALA A 57 -13.44 -17.90 0.53
CA ALA A 57 -14.23 -16.73 0.11
C ALA A 57 -14.69 -15.85 1.26
N PRO A 58 -15.04 -16.36 2.45
CA PRO A 58 -15.41 -15.43 3.55
C PRO A 58 -14.27 -14.48 3.94
N GLN A 59 -13.02 -14.85 3.66
CA GLN A 59 -11.92 -13.95 4.01
C GLN A 59 -11.88 -12.70 3.15
N ILE A 60 -12.60 -12.67 2.03
CA ILE A 60 -12.75 -11.44 1.26
C ILE A 60 -14.20 -10.94 1.34
N GLY A 61 -14.97 -11.41 2.32
CA GLY A 61 -16.32 -10.92 2.50
C GLY A 61 -17.36 -11.55 1.59
N VAL A 62 -17.08 -12.72 1.01
CA VAL A 62 -18.01 -13.39 0.11
C VAL A 62 -18.46 -14.66 0.82
N SER A 63 -19.75 -14.74 1.16
CA SER A 63 -20.23 -15.83 2.01
C SER A 63 -20.60 -17.04 1.16
N LEU A 64 -19.55 -17.65 0.59
CA LEU A 64 -19.69 -18.84 -0.24
C LEU A 64 -18.71 -19.90 0.20
N ARG A 65 -19.14 -21.17 0.12
CA ARG A 65 -18.30 -22.31 0.50
C ARG A 65 -17.34 -22.62 -0.64
N LEU A 66 -16.33 -21.76 -0.76
CA LEU A 66 -15.42 -21.77 -1.90
C LEU A 66 -14.03 -21.41 -1.40
N SER A 67 -13.03 -22.20 -1.78
CA SER A 67 -11.66 -21.89 -1.39
C SER A 67 -10.73 -22.23 -2.54
N VAL A 68 -9.65 -21.45 -2.65
CA VAL A 68 -8.58 -21.72 -3.61
C VAL A 68 -7.34 -22.09 -2.80
N ILE A 69 -6.55 -23.00 -3.35
CA ILE A 69 -5.40 -23.58 -2.65
C ILE A 69 -4.27 -23.77 -3.65
N ASP A 70 -3.04 -23.43 -3.25
CA ASP A 70 -1.85 -23.82 -4.01
C ASP A 70 -0.71 -23.97 -3.01
N ILE A 71 -0.43 -25.21 -2.61
CA ILE A 71 0.63 -25.40 -1.65
CA ILE A 71 0.63 -25.51 -1.66
C ILE A 71 1.99 -25.45 -2.33
N VAL A 72 2.06 -25.92 -3.56
CA VAL A 72 3.33 -25.95 -4.29
C VAL A 72 3.69 -24.56 -4.80
N GLY A 73 2.70 -23.82 -5.30
CA GLY A 73 2.93 -22.47 -5.75
C GLY A 73 2.95 -22.26 -7.25
N ASP A 74 2.55 -23.24 -8.06
CA ASP A 74 2.46 -23.07 -9.50
C ASP A 74 1.08 -23.51 -9.99
N LYS A 75 0.83 -23.27 -11.29
CA LYS A 75 -0.52 -23.38 -11.84
C LYS A 75 -1.01 -24.81 -11.95
N LYS A 76 -0.09 -25.77 -12.18
CA LYS A 76 -0.51 -27.15 -12.41
C LYS A 76 -1.04 -27.81 -11.14
N GLU A 77 -0.72 -27.25 -9.97
CA GLU A 77 -1.16 -27.81 -8.70
C GLU A 77 -2.25 -26.98 -8.04
N GLN A 78 -2.91 -26.09 -8.79
CA GLN A 78 -3.97 -25.30 -8.20
C GLN A 78 -5.17 -26.18 -7.87
N ILE A 79 -5.72 -25.98 -6.69
CA ILE A 79 -6.91 -26.70 -6.24
C ILE A 79 -8.00 -25.68 -5.96
N VAL A 80 -9.21 -25.96 -6.41
CA VAL A 80 -10.39 -25.20 -6.01
C VAL A 80 -11.36 -26.19 -5.35
N ILE A 81 -11.82 -25.87 -4.14
CA ILE A 81 -12.82 -26.69 -3.49
C ILE A 81 -14.10 -25.89 -3.38
N VAL A 82 -15.16 -26.39 -4.01
CA VAL A 82 -16.48 -25.77 -3.94
C VAL A 82 -17.39 -26.73 -3.19
N ASN A 83 -18.10 -26.21 -2.19
CA ASN A 83 -18.99 -26.99 -1.34
C ASN A 83 -18.32 -28.26 -0.81
N PRO A 84 -17.18 -28.13 -0.13
CA PRO A 84 -16.43 -29.31 0.28
C PRO A 84 -17.06 -29.98 1.49
N GLU A 85 -16.80 -31.28 1.60
CA GLU A 85 -17.17 -32.01 2.80
C GLU A 85 -16.02 -32.94 3.13
N ILE A 86 -15.70 -33.04 4.41
CA ILE A 86 -14.70 -34.00 4.86
C ILE A 86 -15.37 -35.36 5.01
N VAL A 87 -14.92 -36.33 4.22
CA VAL A 87 -15.55 -37.65 4.27
C VAL A 87 -14.82 -38.58 5.23
N SER A 88 -13.53 -38.36 5.45
CA SER A 88 -12.79 -39.16 6.41
C SER A 88 -11.57 -38.37 6.86
N SER A 89 -11.05 -38.73 8.03
CA SER A 89 -9.82 -38.13 8.52
C SER A 89 -9.15 -39.12 9.46
N HIS A 90 -7.84 -39.02 9.57
CA HIS A 90 -7.09 -39.97 10.39
C HIS A 90 -5.92 -39.28 11.05
N GLY A 91 -5.61 -39.73 12.27
CA GLY A 91 -4.47 -39.23 13.01
C GLY A 91 -4.64 -37.84 13.56
N GLU A 92 -3.67 -37.39 14.35
CA GLU A 92 -3.59 -36.02 14.83
C GLU A 92 -2.14 -35.56 14.71
N LYS A 93 -1.94 -34.31 14.33
CA LYS A 93 -0.60 -33.81 14.08
C LYS A 93 -0.54 -32.33 14.44
N GLU A 94 0.56 -31.92 15.07
CA GLU A 94 0.78 -30.51 15.36
C GLU A 94 1.33 -29.79 14.13
N PHE A 95 0.77 -28.61 13.86
CA PHE A 95 1.21 -27.78 12.76
C PHE A 95 1.47 -26.38 13.27
N GLU A 96 2.55 -25.77 12.81
CA GLU A 96 2.77 -24.34 13.01
C GLU A 96 2.05 -23.56 11.91
N GLU A 97 1.14 -22.67 12.29
CA GLU A 97 0.16 -22.15 11.36
C GLU A 97 -0.03 -20.65 11.52
N GLY A 98 -0.27 -19.96 10.40
CA GLY A 98 -0.79 -18.60 10.40
C GLY A 98 -2.02 -18.51 9.50
N CYS A 99 -2.61 -17.32 9.50
CA CYS A 99 -3.85 -17.09 8.76
C CYS A 99 -3.81 -15.68 8.18
N LEU A 100 -4.20 -15.55 6.91
CA LEU A 100 -4.25 -14.23 6.29
C LEU A 100 -5.24 -13.30 6.97
N SER A 101 -6.20 -13.83 7.72
CA SER A 101 -7.19 -13.03 8.42
C SER A 101 -6.80 -12.77 9.87
N VAL A 102 -5.65 -13.27 10.31
CA VAL A 102 -5.11 -12.95 11.63
C VAL A 102 -3.63 -12.59 11.43
N PRO A 103 -3.35 -11.49 10.73
CA PRO A 103 -1.96 -11.19 10.37
C PRO A 103 -1.06 -11.07 11.59
N GLY A 104 0.10 -11.73 11.51
CA GLY A 104 1.09 -11.68 12.56
C GLY A 104 1.01 -12.79 13.58
N ALA A 105 -0.13 -13.48 13.70
CA ALA A 105 -0.28 -14.53 14.71
C ALA A 105 0.20 -15.86 14.14
N TYR A 106 1.13 -16.51 14.86
CA TYR A 106 1.60 -17.84 14.50
C TYR A 106 1.52 -18.72 15.73
N ASP A 107 0.91 -19.89 15.58
CA ASP A 107 0.75 -20.76 16.74
C ASP A 107 0.74 -22.20 16.27
N THR A 108 1.04 -23.11 17.18
CA THR A 108 0.89 -24.53 16.91
CA THR A 108 0.89 -24.53 16.91
C THR A 108 -0.55 -24.95 17.17
N VAL A 109 -1.14 -25.65 16.21
CA VAL A 109 -2.49 -26.19 16.37
C VAL A 109 -2.44 -27.66 16.02
N VAL A 110 -3.43 -28.40 16.53
CA VAL A 110 -3.53 -29.83 16.27
C VAL A 110 -4.65 -30.03 15.26
N ARG A 111 -4.35 -30.77 14.19
CA ARG A 111 -5.32 -31.07 13.16
C ARG A 111 -5.13 -32.52 12.75
N ALA A 112 -6.10 -33.05 12.00
CA ALA A 112 -5.94 -34.40 11.46
C ALA A 112 -4.71 -34.47 10.57
N GLU A 113 -3.99 -35.59 10.65
CA GLU A 113 -2.79 -35.76 9.83
C GLU A 113 -3.15 -36.09 8.39
N LYS A 114 -4.31 -36.71 8.16
CA LYS A 114 -4.75 -37.10 6.83
C LYS A 114 -6.24 -36.82 6.74
N VAL A 115 -6.68 -36.23 5.63
CA VAL A 115 -8.09 -35.95 5.41
CA VAL A 115 -8.10 -35.98 5.42
C VAL A 115 -8.44 -36.25 3.96
N THR A 116 -9.67 -36.73 3.74
CA THR A 116 -10.21 -36.88 2.40
C THR A 116 -11.40 -35.93 2.26
N VAL A 117 -11.37 -35.11 1.22
CA VAL A 117 -12.39 -34.10 0.98
C VAL A 117 -13.08 -34.41 -0.34
N LYS A 118 -14.40 -34.39 -0.34
CA LYS A 118 -15.17 -34.45 -1.56
C LYS A 118 -15.75 -33.06 -1.82
N ALA A 119 -15.69 -32.64 -3.07
CA ALA A 119 -16.11 -31.28 -3.39
C ALA A 119 -16.47 -31.24 -4.87
N LEU A 120 -16.86 -30.06 -5.33
CA LEU A 120 -16.92 -29.75 -6.75
C LEU A 120 -15.69 -28.93 -7.10
N ASP A 121 -15.17 -29.12 -8.32
CA ASP A 121 -14.05 -28.32 -8.81
C ASP A 121 -14.58 -26.97 -9.30
N ARG A 122 -13.69 -26.16 -9.90
CA ARG A 122 -14.07 -24.80 -10.25
C ARG A 122 -15.12 -24.75 -11.35
N PHE A 123 -15.37 -25.85 -12.06
CA PHE A 123 -16.38 -25.91 -13.10
C PHE A 123 -17.64 -26.66 -12.65
N GLY A 124 -17.71 -27.04 -11.38
CA GLY A 124 -18.87 -27.73 -10.86
C GLY A 124 -18.84 -29.24 -10.98
N LYS A 125 -17.70 -29.82 -11.33
CA LYS A 125 -17.62 -31.26 -11.52
CA LYS A 125 -17.62 -31.26 -11.52
C LYS A 125 -17.08 -31.95 -10.27
N PRO A 126 -17.66 -33.07 -9.87
CA PRO A 126 -17.24 -33.72 -8.62
C PRO A 126 -15.79 -34.15 -8.65
N PHE A 127 -15.12 -34.05 -7.50
CA PHE A 127 -13.81 -34.65 -7.33
C PHE A 127 -13.58 -34.95 -5.86
N GLU A 128 -12.56 -35.76 -5.61
CA GLU A 128 -12.12 -36.03 -4.24
C GLU A 128 -10.61 -35.87 -4.21
N ILE A 129 -10.11 -35.48 -3.06
CA ILE A 129 -8.67 -35.40 -2.87
C ILE A 129 -8.35 -35.83 -1.44
N THR A 130 -7.27 -36.59 -1.29
CA THR A 130 -6.76 -36.97 0.01
C THR A 130 -5.43 -36.28 0.22
N GLY A 131 -5.31 -35.55 1.32
CA GLY A 131 -4.11 -34.81 1.63
C GLY A 131 -3.49 -35.27 2.94
N GLU A 132 -2.17 -35.14 3.02
CA GLU A 132 -1.43 -35.25 4.26
C GLU A 132 -0.56 -34.01 4.38
N GLY A 133 0.06 -33.84 5.55
CA GLY A 133 0.97 -32.73 5.71
C GLY A 133 0.30 -31.40 5.45
N LEU A 134 1.01 -30.51 4.74
CA LEU A 134 0.50 -29.16 4.52
C LEU A 134 -0.85 -29.16 3.80
N LEU A 135 -1.04 -30.05 2.82
CA LEU A 135 -2.32 -30.07 2.12
C LEU A 135 -3.46 -30.43 3.07
N ALA A 136 -3.25 -31.43 3.94
CA ALA A 136 -4.29 -31.76 4.90
C ALA A 136 -4.57 -30.60 5.83
N GLU A 137 -3.51 -29.93 6.29
CA GLU A 137 -3.67 -28.79 7.18
C GLU A 137 -4.45 -27.69 6.49
N CYS A 138 -4.08 -27.41 5.24
CA CYS A 138 -4.72 -26.32 4.50
C CYS A 138 -6.20 -26.63 4.23
N LEU A 139 -6.49 -27.86 3.80
CA LEU A 139 -7.87 -28.24 3.55
C LEU A 139 -8.72 -28.03 4.79
N GLN A 140 -8.24 -28.47 5.96
CA GLN A 140 -9.02 -28.28 7.18
C GLN A 140 -9.13 -26.80 7.55
N HIS A 141 -8.06 -26.04 7.37
CA HIS A 141 -8.06 -24.61 7.66
C HIS A 141 -9.09 -23.87 6.79
N GLU A 142 -9.14 -24.20 5.50
CA GLU A 142 -10.05 -23.51 4.60
C GLU A 142 -11.49 -23.87 4.90
N ILE A 143 -11.77 -25.14 5.17
CA ILE A 143 -13.14 -25.53 5.46
C ILE A 143 -13.60 -24.89 6.77
N ASP A 144 -12.70 -24.78 7.76
CA ASP A 144 -13.04 -24.08 9.00
C ASP A 144 -13.54 -22.66 8.71
N HIS A 145 -12.84 -21.92 7.84
CA HIS A 145 -13.28 -20.58 7.45
C HIS A 145 -14.71 -20.59 6.92
N MET A 146 -15.11 -21.65 6.21
CA MET A 146 -16.47 -21.71 5.66
C MET A 146 -17.50 -21.90 6.75
N ASN A 147 -17.07 -22.34 7.94
CA ASN A 147 -17.95 -22.49 9.08
C ASN A 147 -17.73 -21.39 10.11
N GLY A 148 -17.12 -20.27 9.70
CA GLY A 148 -16.89 -19.15 10.60
C GLY A 148 -15.89 -19.43 11.68
N LYS A 149 -14.97 -20.36 11.45
CA LYS A 149 -13.99 -20.80 12.43
CA LYS A 149 -13.99 -20.80 12.43
C LYS A 149 -12.59 -20.37 12.01
N LEU A 150 -11.82 -19.86 12.95
CA LEU A 150 -10.45 -19.46 12.68
C LEU A 150 -9.52 -20.23 13.61
N PHE A 151 -8.25 -20.32 13.22
CA PHE A 151 -7.37 -21.25 13.92
C PHE A 151 -7.10 -20.83 15.36
N VAL A 152 -7.21 -19.53 15.67
CA VAL A 152 -7.00 -19.11 17.05
C VAL A 152 -8.10 -19.61 17.98
N ASP A 153 -9.26 -20.00 17.45
CA ASP A 153 -10.38 -20.39 18.30
C ASP A 153 -10.05 -21.61 19.14
N MET A 154 -9.23 -22.53 18.60
CA MET A 154 -8.91 -23.74 19.34
CA MET A 154 -8.88 -23.76 19.30
C MET A 154 -7.74 -23.55 20.31
N LEU A 155 -7.18 -22.36 20.40
CA LEU A 155 -6.09 -22.10 21.33
C LEU A 155 -6.60 -21.79 22.74
N SER A 156 -5.70 -21.92 23.72
CA SER A 156 -6.00 -21.53 25.10
C SER A 156 -6.38 -20.06 25.18
N PRO A 157 -7.15 -19.68 26.21
CA PRO A 157 -7.45 -18.24 26.40
C PRO A 157 -6.20 -17.37 26.42
N LEU A 158 -5.13 -17.82 27.09
CA LEU A 158 -3.88 -17.08 27.08
C LEU A 158 -3.36 -16.85 25.66
N LYS A 159 -3.31 -17.92 24.85
CA LYS A 159 -2.79 -17.77 23.49
C LYS A 159 -3.72 -16.94 22.62
N ARG A 160 -5.03 -17.02 22.85
CA ARG A 160 -5.94 -16.16 22.11
C ARG A 160 -5.72 -14.69 22.46
N MET A 161 -5.48 -14.41 23.75
CA MET A 161 -5.20 -13.04 24.18
C MET A 161 -3.92 -12.53 23.53
N MET A 162 -2.89 -13.36 23.47
CA MET A 162 -1.64 -12.91 22.87
C MET A 162 -1.81 -12.68 21.38
N ALA A 163 -2.60 -13.53 20.71
CA ALA A 163 -2.86 -13.31 19.29
C ALA A 163 -3.61 -12.01 19.08
N ARG A 164 -4.57 -11.71 19.96
CA ARG A 164 -5.32 -10.45 19.87
C ARG A 164 -4.38 -9.26 20.04
N ARG A 165 -3.45 -9.34 20.98
CA ARG A 165 -2.52 -8.23 21.21
C ARG A 165 -1.60 -8.05 20.01
N LYS A 166 -1.11 -9.16 19.45
CA LYS A 166 -0.25 -9.08 18.27
C LYS A 166 -0.98 -8.48 17.08
N LEU A 167 -2.23 -8.91 16.86
CA LEU A 167 -3.03 -8.36 15.78
C LEU A 167 -3.30 -6.87 15.99
N ASP A 168 -3.62 -6.46 17.22
CA ASP A 168 -3.86 -5.05 17.49
C ASP A 168 -2.62 -4.21 17.21
N LYS A 169 -1.44 -4.73 17.56
CA LYS A 169 -0.21 -3.99 17.28
C LYS A 169 0.05 -3.90 15.79
N PHE A 170 -0.24 -4.99 15.06
CA PHE A 170 -0.11 -4.96 13.61
C PHE A 170 -0.98 -3.87 13.01
N LYS A 171 -2.24 -3.78 13.46
CA LYS A 171 -3.14 -2.77 12.91
C LYS A 171 -2.62 -1.36 13.20
N ARG A 172 -2.03 -1.14 14.38
CA ARG A 172 -1.50 0.18 14.70
C ARG A 172 -0.31 0.52 13.82
N LEU A 173 0.50 -0.48 13.48
CA LEU A 173 1.63 -0.24 12.60
C LEU A 173 1.18 0.03 11.17
N GLN A 174 0.20 -0.73 10.67
CA GLN A 174 -0.34 -0.47 9.35
C GLN A 174 -0.84 0.97 9.22
N ALA A 175 -1.39 1.53 10.30
CA ALA A 175 -1.88 2.91 10.25
C ALA A 175 -0.74 3.92 10.17
N ARG A 176 0.49 3.51 10.48
CA ARG A 176 1.66 4.37 10.41
C ARG A 176 2.53 4.09 9.20
N LYS A 177 2.13 3.12 8.39
CA LYS A 177 2.83 2.79 7.18
C LYS A 177 2.57 3.88 6.15
N PRO A 178 3.59 4.32 5.41
CA PRO A 178 3.41 5.41 4.43
C PRO A 178 2.19 5.22 3.53
N HIS B 7 12.40 8.28 18.97
CA HIS B 7 12.58 6.86 19.23
C HIS B 7 12.27 6.05 17.98
N HIS B 8 11.18 6.40 17.29
CA HIS B 8 10.80 5.73 16.05
C HIS B 8 10.78 6.74 14.91
N MET B 9 11.25 6.32 13.74
CA MET B 9 11.37 7.19 12.58
C MET B 9 10.40 6.76 11.48
N ALA B 10 10.60 5.59 10.88
CA ALA B 10 9.74 5.17 9.78
C ALA B 10 9.81 3.68 9.57
N ILE B 11 8.68 3.10 9.20
CA ILE B 11 8.65 1.74 8.65
CA ILE B 11 8.68 1.73 8.67
C ILE B 11 9.52 1.72 7.40
N ARG B 12 10.38 0.72 7.27
CA ARG B 12 11.31 0.65 6.16
C ARG B 12 10.83 -0.30 5.08
N LYS B 13 11.31 -0.04 3.86
CA LYS B 13 11.09 -0.95 2.74
C LYS B 13 11.97 -2.18 2.88
N ILE B 14 11.35 -3.37 2.78
CA ILE B 14 12.09 -4.62 2.80
C ILE B 14 12.46 -4.97 1.36
N LEU B 15 13.72 -5.34 1.16
CA LEU B 15 14.23 -5.67 -0.17
C LEU B 15 13.96 -7.13 -0.49
N TYR B 16 13.67 -7.39 -1.77
CA TYR B 16 13.44 -8.75 -2.25
C TYR B 16 14.59 -9.18 -3.15
N LEU B 17 14.81 -10.48 -3.21
CA LEU B 17 15.69 -11.02 -4.25
C LEU B 17 15.19 -10.53 -5.61
N PRO B 18 16.10 -10.23 -6.57
CA PRO B 18 17.55 -10.40 -6.52
C PRO B 18 18.36 -9.15 -6.13
N ASP B 19 17.81 -8.26 -5.31
CA ASP B 19 18.54 -7.05 -4.93
C ASP B 19 19.93 -7.40 -4.41
N GLU B 20 20.96 -6.80 -5.02
CA GLU B 20 22.33 -7.15 -4.68
C GLU B 20 22.67 -6.85 -3.23
N ARG B 21 21.92 -5.95 -2.58
CA ARG B 21 22.25 -5.62 -1.20
C ARG B 21 21.96 -6.78 -0.26
N LEU B 22 21.10 -7.71 -0.69
CA LEU B 22 20.85 -8.92 0.10
C LEU B 22 22.01 -9.92 0.03
N ARG B 23 22.95 -9.73 -0.90
CA ARG B 23 24.07 -10.62 -1.09
C ARG B 23 25.38 -10.07 -0.52
N LYS B 24 25.34 -8.86 0.05
CA LYS B 24 26.55 -8.27 0.60
C LYS B 24 26.82 -8.84 1.98
N ILE B 25 28.11 -8.90 2.33
CA ILE B 25 28.50 -9.29 3.68
C ILE B 25 28.39 -8.08 4.59
N ALA B 26 27.55 -8.17 5.61
CA ALA B 26 27.30 -7.04 6.49
C ALA B 26 28.52 -6.75 7.37
N LYS B 27 28.69 -5.48 7.69
CA LYS B 27 29.83 -5.07 8.50
C LYS B 27 29.43 -4.99 9.97
N PRO B 28 30.38 -5.24 10.88
CA PRO B 28 30.06 -5.17 12.31
C PRO B 28 29.61 -3.79 12.74
N VAL B 29 28.69 -3.76 13.70
CA VAL B 29 28.28 -2.50 14.32
C VAL B 29 29.39 -2.03 15.24
N GLU B 30 29.73 -0.75 15.16
CA GLU B 30 30.84 -0.20 15.94
C GLU B 30 30.44 0.92 16.88
N THR B 31 29.32 1.59 16.64
CA THR B 31 28.90 2.74 17.44
C THR B 31 27.51 2.49 17.98
N PHE B 32 27.37 2.55 19.30
CA PHE B 32 26.07 2.40 19.95
C PHE B 32 25.61 3.79 20.36
N ASP B 33 24.94 4.46 19.42
CA ASP B 33 24.41 5.80 19.61
C ASP B 33 22.90 5.79 19.39
N GLU B 34 22.31 6.99 19.50
CA GLU B 34 20.86 7.10 19.35
C GLU B 34 20.40 6.67 17.96
N SER B 35 21.21 6.95 16.92
CA SER B 35 20.84 6.53 15.57
C SER B 35 20.68 5.03 15.48
N LEU B 36 21.52 4.27 16.20
CA LEU B 36 21.36 2.82 16.21
C LEU B 36 20.06 2.41 16.87
N GLN B 37 19.69 3.07 17.97
CA GLN B 37 18.44 2.73 18.64
C GLN B 37 17.24 2.99 17.75
N THR B 38 17.25 4.12 17.03
CA THR B 38 16.16 4.41 16.10
C THR B 38 16.05 3.36 15.01
N LEU B 39 17.19 2.92 14.49
CA LEU B 39 17.21 1.86 13.49
C LEU B 39 16.60 0.57 14.06
N ILE B 40 17.01 0.20 15.26
CA ILE B 40 16.48 -1.02 15.88
C ILE B 40 14.98 -0.91 16.08
N ASN B 41 14.51 0.24 16.60
CA ASN B 41 13.08 0.42 16.80
C ASN B 41 12.34 0.33 15.48
N ASP B 42 12.87 0.95 14.42
CA ASP B 42 12.22 0.87 13.11
C ASP B 42 12.26 -0.53 12.55
N MET B 43 13.32 -1.30 12.84
CA MET B 43 13.38 -2.67 12.37
C MET B 43 12.31 -3.52 13.04
N PHE B 44 12.10 -3.36 14.35
CA PHE B 44 11.00 -4.08 15.01
C PHE B 44 9.66 -3.70 14.39
N ASP B 45 9.42 -2.40 14.19
CA ASP B 45 8.17 -1.99 13.56
C ASP B 45 8.01 -2.62 12.19
N THR B 46 9.09 -2.63 11.40
CA THR B 46 9.04 -3.16 10.05
C THR B 46 8.77 -4.66 10.07
N MET B 47 9.42 -5.38 10.98
CA MET B 47 9.23 -6.82 11.13
C MET B 47 7.78 -7.15 11.48
N TYR B 48 7.24 -6.49 12.50
CA TYR B 48 5.85 -6.75 12.88
C TYR B 48 4.90 -6.38 11.76
N ASP B 49 5.15 -5.25 11.09
CA ASP B 49 4.25 -4.82 10.04
C ASP B 49 4.27 -5.78 8.86
N ALA B 50 5.38 -6.51 8.67
CA ALA B 50 5.50 -7.48 7.60
C ALA B 50 5.15 -8.89 8.07
N ARG B 51 4.66 -9.05 9.30
CA ARG B 51 4.24 -10.35 9.82
C ARG B 51 5.40 -11.33 9.96
N GLY B 52 6.62 -10.83 10.22
CA GLY B 52 7.77 -11.67 10.46
C GLY B 52 8.05 -11.87 11.94
N VAL B 53 8.91 -12.85 12.23
CA VAL B 53 9.42 -13.07 13.58
C VAL B 53 10.89 -12.73 13.70
N GLY B 54 11.52 -12.29 12.60
CA GLY B 54 12.86 -11.74 12.65
C GLY B 54 13.04 -10.80 11.50
N LEU B 55 14.08 -9.98 11.59
CA LEU B 55 14.48 -9.13 10.47
C LEU B 55 15.96 -8.80 10.65
N ALA B 56 16.70 -8.86 9.55
CA ALA B 56 18.12 -8.53 9.54
C ALA B 56 18.33 -7.22 8.80
N ALA B 57 19.29 -6.42 9.26
CA ALA B 57 19.48 -5.09 8.66
C ALA B 57 19.74 -5.13 7.15
N PRO B 58 20.48 -6.09 6.59
CA PRO B 58 20.60 -6.10 5.13
C PRO B 58 19.27 -6.17 4.41
N GLN B 59 18.24 -6.75 5.05
CA GLN B 59 16.94 -6.83 4.39
C GLN B 59 16.27 -5.47 4.21
N ILE B 60 16.73 -4.44 4.92
CA ILE B 60 16.26 -3.09 4.65
C ILE B 60 17.38 -2.24 4.04
N GLY B 61 18.39 -2.90 3.48
CA GLY B 61 19.45 -2.19 2.80
C GLY B 61 20.48 -1.54 3.71
N VAL B 62 20.64 -2.02 4.93
CA VAL B 62 21.61 -1.47 5.89
C VAL B 62 22.63 -2.56 6.14
N SER B 63 23.89 -2.33 5.73
CA SER B 63 24.88 -3.40 5.73
C SER B 63 25.56 -3.51 7.10
N LEU B 64 24.76 -3.89 8.09
CA LEU B 64 25.22 -4.06 9.46
C LEU B 64 24.84 -5.43 9.97
N ARG B 65 25.71 -6.01 10.80
CA ARG B 65 25.45 -7.32 11.40
C ARG B 65 24.53 -7.15 12.59
N LEU B 66 23.25 -6.97 12.27
CA LEU B 66 22.25 -6.59 13.26
C LEU B 66 20.93 -7.25 12.89
N SER B 67 20.29 -7.88 13.85
CA SER B 67 19.00 -8.48 13.62
C SER B 67 18.10 -8.28 14.83
N VAL B 68 16.80 -8.16 14.55
CA VAL B 68 15.80 -8.11 15.61
C VAL B 68 14.97 -9.38 15.48
N ILE B 69 14.50 -9.90 16.62
CA ILE B 69 13.77 -11.17 16.68
C ILE B 69 12.67 -11.05 17.73
N ASP B 70 11.48 -11.51 17.39
CA ASP B 70 10.43 -11.74 18.39
C ASP B 70 9.64 -12.98 17.97
N ILE B 71 9.96 -14.12 18.57
CA ILE B 71 9.29 -15.39 18.25
C ILE B 71 7.88 -15.40 18.83
N VAL B 72 7.72 -14.87 20.05
CA VAL B 72 6.42 -14.94 20.73
C VAL B 72 5.48 -13.87 20.23
N GLY B 73 5.98 -12.64 20.06
CA GLY B 73 5.18 -11.54 19.61
C GLY B 73 4.92 -10.43 20.61
N ASP B 74 5.55 -10.47 21.79
CA ASP B 74 5.38 -9.43 22.81
CA ASP B 74 5.37 -9.40 22.77
C ASP B 74 6.72 -8.75 23.09
N LYS B 75 6.65 -7.60 23.76
CA LYS B 75 7.85 -6.81 24.03
C LYS B 75 8.81 -7.50 24.99
N LYS B 76 8.30 -8.35 25.89
CA LYS B 76 9.15 -8.97 26.90
C LYS B 76 10.12 -9.98 26.31
N GLU B 77 9.83 -10.52 25.12
CA GLU B 77 10.68 -11.51 24.50
C GLU B 77 11.45 -10.98 23.29
N GLN B 78 11.48 -9.66 23.10
CA GLN B 78 12.28 -9.11 22.01
C GLN B 78 13.74 -9.46 22.20
N ILE B 79 14.38 -9.88 21.11
CA ILE B 79 15.81 -10.19 21.09
C ILE B 79 16.46 -9.33 20.03
N VAL B 80 17.58 -8.72 20.37
CA VAL B 80 18.42 -8.02 19.41
C VAL B 80 19.78 -8.69 19.43
N ILE B 81 20.26 -9.11 18.26
CA ILE B 81 21.60 -9.66 18.15
C ILE B 81 22.45 -8.73 17.30
N VAL B 82 23.56 -8.28 17.88
CA VAL B 82 24.48 -7.37 17.24
C VAL B 82 25.83 -8.07 17.18
N ASN B 83 26.44 -8.10 16.00
CA ASN B 83 27.68 -8.81 15.74
C ASN B 83 27.66 -10.25 16.28
N PRO B 84 26.65 -11.04 15.91
CA PRO B 84 26.52 -12.38 16.48
C PRO B 84 27.51 -13.38 15.90
N GLU B 85 27.80 -14.39 16.71
CA GLU B 85 28.66 -15.49 16.29
C GLU B 85 28.04 -16.77 16.81
N ILE B 86 27.81 -17.73 15.91
CA ILE B 86 27.41 -19.06 16.35
C ILE B 86 28.63 -19.76 16.93
N VAL B 87 28.57 -20.12 18.21
CA VAL B 87 29.70 -20.79 18.83
C VAL B 87 29.52 -22.30 18.88
N SER B 88 28.30 -22.80 18.79
CA SER B 88 28.08 -24.23 18.72
C SER B 88 26.69 -24.49 18.19
N SER B 89 26.49 -25.71 17.69
CA SER B 89 25.15 -26.12 17.32
C SER B 89 25.09 -27.63 17.42
N HIS B 90 23.86 -28.16 17.45
CA HIS B 90 23.70 -29.59 17.60
C HIS B 90 22.52 -30.06 16.78
N GLY B 91 22.66 -31.23 16.18
CA GLY B 91 21.59 -31.83 15.41
C GLY B 91 21.30 -31.19 14.07
N GLU B 92 20.43 -31.84 13.31
CA GLU B 92 19.95 -31.34 12.04
C GLU B 92 18.46 -31.64 11.95
N LYS B 93 17.67 -30.64 11.60
CA LYS B 93 16.22 -30.74 11.65
C LYS B 93 15.63 -30.06 10.42
N GLU B 94 14.57 -30.65 9.86
CA GLU B 94 13.81 -30.00 8.80
C GLU B 94 12.86 -28.97 9.38
N PHE B 95 12.85 -27.77 8.77
CA PHE B 95 11.95 -26.67 9.11
C PHE B 95 11.24 -26.19 7.86
N GLU B 96 9.95 -25.91 7.99
CA GLU B 96 9.20 -25.23 6.94
C GLU B 96 9.36 -23.73 7.15
N GLU B 97 9.86 -23.04 6.13
CA GLU B 97 10.38 -21.69 6.30
C GLU B 97 9.97 -20.78 5.15
N GLY B 98 9.76 -19.50 5.48
CA GLY B 98 9.68 -18.43 4.50
C GLY B 98 10.59 -17.29 4.91
N CYS B 99 10.63 -16.27 4.05
CA CYS B 99 11.54 -15.16 4.28
C CYS B 99 10.88 -13.90 3.77
N LEU B 100 11.01 -12.82 4.55
CA LEU B 100 10.43 -11.55 4.12
C LEU B 100 11.08 -10.99 2.85
N SER B 101 12.29 -11.43 2.53
CA SER B 101 12.97 -11.01 1.32
C SER B 101 12.76 -11.96 0.15
N VAL B 102 11.97 -13.02 0.35
CA VAL B 102 11.56 -13.91 -0.74
C VAL B 102 10.06 -14.14 -0.64
N PRO B 103 9.26 -13.09 -0.81
CA PRO B 103 7.80 -13.20 -0.59
C PRO B 103 7.19 -14.32 -1.41
N GLY B 104 6.37 -15.14 -0.74
CA GLY B 104 5.61 -16.17 -1.39
C GLY B 104 6.27 -17.52 -1.39
N ALA B 105 7.58 -17.59 -1.18
CA ALA B 105 8.29 -18.85 -1.24
C ALA B 105 8.27 -19.52 0.13
N TYR B 106 7.80 -20.77 0.17
CA TYR B 106 7.86 -21.57 1.39
C TYR B 106 8.50 -22.90 1.03
N ASP B 107 9.47 -23.32 1.82
CA ASP B 107 10.12 -24.59 1.53
C ASP B 107 10.62 -25.20 2.83
N THR B 108 10.92 -26.49 2.76
CA THR B 108 11.58 -27.16 3.86
C THR B 108 13.09 -26.99 3.72
N VAL B 109 13.75 -26.58 4.81
CA VAL B 109 15.20 -26.50 4.83
C VAL B 109 15.71 -27.24 6.06
N VAL B 110 16.98 -27.63 5.99
CA VAL B 110 17.63 -28.34 7.09
C VAL B 110 18.52 -27.36 7.81
N ARG B 111 18.30 -27.21 9.12
CA ARG B 111 19.13 -26.36 9.96
C ARG B 111 19.45 -27.10 11.24
N ALA B 112 20.37 -26.55 12.03
CA ALA B 112 20.65 -27.16 13.32
C ALA B 112 19.42 -27.06 14.23
N GLU B 113 19.24 -28.09 15.06
CA GLU B 113 18.12 -28.10 15.99
C GLU B 113 18.36 -27.23 17.22
N LYS B 114 19.61 -27.12 17.64
CA LYS B 114 19.98 -26.30 18.79
C LYS B 114 21.18 -25.49 18.38
N VAL B 115 21.21 -24.21 18.76
CA VAL B 115 22.34 -23.34 18.45
CA VAL B 115 22.35 -23.35 18.46
C VAL B 115 22.65 -22.48 19.66
N THR B 116 23.93 -22.15 19.83
CA THR B 116 24.35 -21.21 20.85
C THR B 116 25.04 -20.04 20.17
N VAL B 117 24.60 -18.83 20.48
CA VAL B 117 25.07 -17.61 19.83
C VAL B 117 25.60 -16.66 20.89
N LYS B 118 26.79 -16.12 20.64
CA LYS B 118 27.33 -15.01 21.40
C LYS B 118 27.10 -13.75 20.58
N ALA B 119 26.67 -12.66 21.25
CA ALA B 119 26.34 -11.44 20.54
C ALA B 119 26.44 -10.28 21.52
N LEU B 120 26.26 -9.07 21.00
CA LEU B 120 26.02 -7.90 21.83
C LEU B 120 24.52 -7.59 21.78
N ASP B 121 23.96 -7.19 22.91
CA ASP B 121 22.55 -6.82 22.91
C ASP B 121 22.41 -5.42 22.30
N ARG B 122 21.21 -4.84 22.36
CA ARG B 122 20.97 -3.59 21.64
C ARG B 122 21.75 -2.42 22.22
N PHE B 123 22.32 -2.54 23.41
CA PHE B 123 23.13 -1.48 23.98
C PHE B 123 24.62 -1.79 23.95
N GLY B 124 25.01 -2.93 23.37
CA GLY B 124 26.40 -3.31 23.27
C GLY B 124 26.90 -4.17 24.39
N LYS B 125 26.04 -4.64 25.26
CA LYS B 125 26.45 -5.54 26.33
C LYS B 125 26.56 -6.96 25.80
N PRO B 126 27.69 -7.64 25.97
CA PRO B 126 27.79 -9.02 25.52
C PRO B 126 26.80 -9.92 26.24
N PHE B 127 26.25 -10.89 25.51
CA PHE B 127 25.40 -11.91 26.08
C PHE B 127 25.50 -13.16 25.23
N GLU B 128 24.95 -14.25 25.76
CA GLU B 128 24.93 -15.54 25.07
C GLU B 128 23.52 -16.07 25.14
N ILE B 129 23.08 -16.71 24.05
CA ILE B 129 21.73 -17.24 23.99
C ILE B 129 21.78 -18.62 23.36
N THR B 130 21.09 -19.58 23.96
CA THR B 130 20.91 -20.89 23.37
C THR B 130 19.45 -21.03 22.98
N GLY B 131 19.21 -21.41 21.74
CA GLY B 131 17.86 -21.58 21.25
C GLY B 131 17.66 -22.97 20.67
N GLU B 132 16.43 -23.46 20.78
CA GLU B 132 15.98 -24.67 20.13
C GLU B 132 14.74 -24.32 19.30
N GLY B 133 14.37 -25.24 18.42
CA GLY B 133 13.14 -25.08 17.67
C GLY B 133 13.11 -23.80 16.84
N LEU B 134 12.00 -23.08 16.94
CA LEU B 134 11.82 -21.87 16.14
CA LEU B 134 11.80 -21.87 16.15
C LEU B 134 12.92 -20.86 16.39
N LEU B 135 13.26 -20.63 17.66
CA LEU B 135 14.32 -19.67 17.97
C LEU B 135 15.64 -20.09 17.32
N ALA B 136 15.99 -21.38 17.40
CA ALA B 136 17.23 -21.83 16.74
C ALA B 136 17.18 -21.58 15.24
N GLU B 137 16.07 -21.96 14.60
CA GLU B 137 15.90 -21.73 13.17
C GLU B 137 16.03 -20.24 12.85
N CYS B 138 15.40 -19.39 13.64
CA CYS B 138 15.42 -17.95 13.36
C CYS B 138 16.83 -17.37 13.53
N LEU B 139 17.53 -17.72 14.61
CA LEU B 139 18.89 -17.22 14.78
C LEU B 139 19.75 -17.56 13.56
N GLN B 140 19.64 -18.79 13.07
CA GLN B 140 20.44 -19.21 11.91
C GLN B 140 20.03 -18.48 10.64
N HIS B 141 18.71 -18.34 10.44
CA HIS B 141 18.20 -17.59 9.29
C HIS B 141 18.69 -16.15 9.30
N GLU B 142 18.67 -15.50 10.46
CA GLU B 142 19.08 -14.09 10.53
C GLU B 142 20.57 -13.92 10.31
N ILE B 143 21.37 -14.80 10.91
CA ILE B 143 22.81 -14.69 10.73
C ILE B 143 23.17 -14.96 9.28
N ASP B 144 22.48 -15.91 8.64
CA ASP B 144 22.70 -16.14 7.21
C ASP B 144 22.54 -14.85 6.41
N HIS B 145 21.50 -14.06 6.72
CA HIS B 145 21.29 -12.78 6.02
C HIS B 145 22.50 -11.86 6.15
N MET B 146 23.18 -11.88 7.29
CA MET B 146 24.34 -11.03 7.48
C MET B 146 25.53 -11.49 6.66
N ASN B 147 25.47 -12.72 6.14
CA ASN B 147 26.54 -13.25 5.31
C ASN B 147 26.10 -13.33 3.85
N GLY B 148 25.04 -12.60 3.50
CA GLY B 148 24.55 -12.58 2.13
C GLY B 148 23.90 -13.86 1.69
N LYS B 149 23.38 -14.65 2.62
CA LYS B 149 22.83 -15.96 2.33
CA LYS B 149 22.82 -15.96 2.32
C LYS B 149 21.32 -15.95 2.62
N LEU B 150 20.55 -16.52 1.71
CA LEU B 150 19.10 -16.64 1.88
C LEU B 150 18.71 -18.11 1.83
N PHE B 151 17.54 -18.42 2.36
CA PHE B 151 17.23 -19.81 2.62
C PHE B 151 17.08 -20.61 1.33
N VAL B 152 16.71 -19.94 0.23
CA VAL B 152 16.58 -20.63 -1.04
C VAL B 152 17.90 -21.17 -1.55
N ASP B 153 19.02 -20.61 -1.09
CA ASP B 153 20.32 -21.04 -1.62
C ASP B 153 20.59 -22.51 -1.32
N MET B 154 20.06 -23.01 -0.21
CA MET B 154 20.21 -24.40 0.24
CA MET B 154 20.34 -24.40 0.13
C MET B 154 19.41 -25.38 -0.58
N LEU B 155 18.40 -24.91 -1.32
CA LEU B 155 17.46 -25.79 -1.98
C LEU B 155 18.04 -26.36 -3.29
N SER B 156 17.39 -27.42 -3.77
CA SER B 156 17.78 -28.00 -5.06
C SER B 156 17.56 -26.99 -6.19
N PRO B 157 18.26 -27.16 -7.32
CA PRO B 157 18.02 -26.25 -8.46
C PRO B 157 16.56 -26.18 -8.88
N LEU B 158 15.86 -27.32 -8.90
CA LEU B 158 14.43 -27.31 -9.20
C LEU B 158 13.66 -26.41 -8.24
N LYS B 159 13.90 -26.58 -6.93
CA LYS B 159 13.16 -25.78 -5.96
C LYS B 159 13.56 -24.31 -6.02
N ARG B 160 14.82 -24.02 -6.35
CA ARG B 160 15.22 -22.62 -6.50
C ARG B 160 14.51 -21.98 -7.68
N MET B 161 14.37 -22.72 -8.78
CA MET B 161 13.67 -22.19 -9.94
C MET B 161 12.20 -21.95 -9.61
N MET B 162 11.57 -22.89 -8.91
CA MET B 162 10.17 -22.73 -8.54
CA MET B 162 10.17 -22.72 -8.55
C MET B 162 9.97 -21.54 -7.62
N ALA B 163 10.93 -21.29 -6.72
CA ALA B 163 10.82 -20.13 -5.84
C ALA B 163 11.00 -18.83 -6.61
N ARG B 164 11.91 -18.82 -7.59
CA ARG B 164 12.10 -17.64 -8.44
C ARG B 164 10.81 -17.30 -9.20
N ARG B 165 10.16 -18.30 -9.79
CA ARG B 165 8.98 -18.02 -10.59
C ARG B 165 7.83 -17.58 -9.70
N LYS B 166 7.72 -18.16 -8.50
CA LYS B 166 6.70 -17.72 -7.56
C LYS B 166 6.95 -16.28 -7.13
N LEU B 167 8.21 -15.93 -6.92
CA LEU B 167 8.54 -14.55 -6.56
C LEU B 167 8.27 -13.60 -7.72
N ASP B 168 8.56 -14.03 -8.95
CA ASP B 168 8.26 -13.18 -10.10
C ASP B 168 6.76 -12.94 -10.25
N LYS B 169 5.95 -13.99 -10.00
CA LYS B 169 4.50 -13.81 -10.07
C LYS B 169 4.01 -12.86 -8.99
N PHE B 170 4.57 -12.97 -7.79
CA PHE B 170 4.23 -12.04 -6.70
C PHE B 170 4.50 -10.60 -7.11
N LYS B 171 5.66 -10.36 -7.72
CA LYS B 171 6.01 -9.02 -8.16
C LYS B 171 5.03 -8.50 -9.20
N ARG B 172 4.57 -9.38 -10.11
CA ARG B 172 3.61 -8.95 -11.12
C ARG B 172 2.28 -8.58 -10.48
N LEU B 173 1.83 -9.37 -9.49
CA LEU B 173 0.59 -9.07 -8.80
C LEU B 173 0.70 -7.77 -8.00
N GLN B 174 1.84 -7.56 -7.34
CA GLN B 174 2.03 -6.32 -6.59
C GLN B 174 1.86 -5.11 -7.48
N ALA B 175 2.31 -5.22 -8.73
CA ALA B 175 2.17 -4.12 -9.70
C ALA B 175 0.72 -3.87 -10.09
N ARG B 176 -0.15 -4.86 -9.93
CA ARG B 176 -1.57 -4.72 -10.26
C ARG B 176 -2.43 -4.46 -9.03
N LYS B 177 -1.83 -4.40 -7.86
CA LYS B 177 -2.58 -4.05 -6.66
C LYS B 177 -2.94 -2.57 -6.71
N PRO B 178 -4.14 -2.19 -6.26
CA PRO B 178 -4.51 -0.77 -6.30
C PRO B 178 -3.48 0.16 -5.65
N HIS C 7 22.20 10.64 1.14
CA HIS C 7 21.59 9.39 1.57
C HIS C 7 20.08 9.51 1.67
N HIS C 8 19.39 8.45 1.29
CA HIS C 8 17.94 8.35 1.40
C HIS C 8 17.60 7.20 2.34
N MET C 9 16.77 7.47 3.33
CA MET C 9 16.46 6.46 4.32
C MET C 9 15.13 5.77 4.07
N ALA C 10 14.03 6.52 4.16
CA ALA C 10 12.72 5.93 3.93
C ALA C 10 11.72 7.02 3.53
N ILE C 11 10.83 6.66 2.62
CA ILE C 11 9.62 7.44 2.43
C ILE C 11 8.85 7.48 3.74
N ARG C 12 8.37 8.67 4.12
CA ARG C 12 7.75 8.87 5.42
C ARG C 12 6.23 8.91 5.32
N LYS C 13 5.58 8.59 6.43
CA LYS C 13 4.13 8.66 6.49
C LYS C 13 3.69 10.12 6.64
N ILE C 14 2.77 10.54 5.79
CA ILE C 14 2.20 11.89 5.85
C ILE C 14 1.01 11.87 6.81
N LEU C 15 0.99 12.83 7.73
CA LEU C 15 -0.09 12.95 8.69
C LEU C 15 -1.29 13.68 8.10
N TYR C 16 -2.49 13.24 8.48
CA TYR C 16 -3.71 13.88 8.04
C TYR C 16 -4.37 14.57 9.23
N LEU C 17 -5.12 15.64 8.93
CA LEU C 17 -6.03 16.18 9.92
C LEU C 17 -6.87 15.04 10.50
N PRO C 18 -7.20 15.07 11.80
CA PRO C 18 -6.94 16.14 12.77
C PRO C 18 -5.70 15.92 13.66
N ASP C 19 -4.68 15.22 13.15
CA ASP C 19 -3.49 14.96 13.95
C ASP C 19 -2.94 16.26 14.56
N GLU C 20 -2.82 16.26 15.90
CA GLU C 20 -2.43 17.48 16.60
C GLU C 20 -1.05 17.98 16.20
N ARG C 21 -0.19 17.11 15.67
CA ARG C 21 1.14 17.57 15.26
C ARG C 21 1.06 18.53 14.07
N LEU C 22 -0.03 18.51 13.31
CA LEU C 22 -0.22 19.48 12.24
C LEU C 22 -0.54 20.87 12.76
N ARG C 23 -0.88 21.00 14.03
CA ARG C 23 -1.28 22.27 14.63
C ARG C 23 -0.21 22.88 15.51
N LYS C 24 0.92 22.19 15.69
CA LYS C 24 2.01 22.75 16.46
C LYS C 24 2.72 23.83 15.66
N ILE C 25 3.30 24.80 16.35
CA ILE C 25 4.15 25.78 15.70
C ILE C 25 5.56 25.21 15.64
N ALA C 26 6.09 25.07 14.43
CA ALA C 26 7.36 24.41 14.22
C ALA C 26 8.53 25.27 14.70
N LYS C 27 9.61 24.59 15.16
CA LYS C 27 10.78 25.25 15.71
C LYS C 27 11.84 25.46 14.63
N PRO C 28 12.63 26.52 14.73
CA PRO C 28 13.64 26.79 13.71
CA PRO C 28 13.64 26.79 13.71
C PRO C 28 14.70 25.69 13.66
N VAL C 29 15.17 25.39 12.45
CA VAL C 29 16.33 24.52 12.28
C VAL C 29 17.57 25.27 12.75
N GLU C 30 18.37 24.62 13.59
CA GLU C 30 19.59 25.28 14.04
C GLU C 30 20.84 24.43 13.82
N THR C 31 20.71 23.21 13.30
CA THR C 31 21.84 22.33 13.05
C THR C 31 21.79 21.82 11.62
N PHE C 32 22.82 22.14 10.83
CA PHE C 32 22.93 21.65 9.46
C PHE C 32 23.95 20.52 9.46
N ASP C 33 23.45 19.30 9.62
CA ASP C 33 24.32 18.12 9.61
C ASP C 33 23.80 17.08 8.62
N GLU C 34 24.44 15.91 8.60
CA GLU C 34 24.04 14.89 7.62
C GLU C 34 22.63 14.38 7.88
N SER C 35 22.19 14.33 9.14
CA SER C 35 20.83 13.86 9.40
C SER C 35 19.79 14.82 8.82
N LEU C 36 20.10 16.13 8.79
CA LEU C 36 19.19 17.07 8.14
C LEU C 36 19.12 16.80 6.66
N GLN C 37 20.26 16.49 6.02
CA GLN C 37 20.25 16.20 4.59
C GLN C 37 19.44 14.95 4.29
N THR C 38 19.60 13.91 5.12
CA THR C 38 18.78 12.72 4.94
C THR C 38 17.31 13.04 5.09
N LEU C 39 16.95 13.88 6.06
CA LEU C 39 15.55 14.26 6.22
C LEU C 39 15.04 14.97 4.97
N ILE C 40 15.83 15.90 4.44
CA ILE C 40 15.40 16.66 3.26
C ILE C 40 15.23 15.72 2.07
N ASN C 41 16.19 14.82 1.86
CA ASN C 41 16.10 13.84 0.77
C ASN C 41 14.84 13.00 0.90
N ASP C 42 14.56 12.50 2.12
CA ASP C 42 13.36 11.70 2.32
C ASP C 42 12.10 12.54 2.14
N MET C 43 12.15 13.83 2.48
CA MET C 43 10.99 14.67 2.28
C MET C 43 10.68 14.87 0.80
N PHE C 44 11.71 15.08 -0.02
CA PHE C 44 11.48 15.16 -1.46
C PHE C 44 10.88 13.85 -1.98
N ASP C 45 11.48 12.71 -1.59
CA ASP C 45 10.93 11.43 -2.04
C ASP C 45 9.47 11.27 -1.61
N THR C 46 9.16 11.66 -0.39
CA THR C 46 7.81 11.53 0.14
C THR C 46 6.83 12.42 -0.64
N MET C 47 7.26 13.65 -0.91
CA MET C 47 6.45 14.59 -1.69
C MET C 47 6.15 14.06 -3.08
N TYR C 48 7.17 13.64 -3.81
CA TYR C 48 6.94 13.11 -5.16
C TYR C 48 6.07 11.87 -5.11
N ASP C 49 6.32 10.98 -4.15
CA ASP C 49 5.57 9.74 -4.08
C ASP C 49 4.10 9.99 -3.80
N ALA C 50 3.80 11.10 -3.11
CA ALA C 50 2.42 11.46 -2.79
C ALA C 50 1.82 12.43 -3.81
N ARG C 51 2.52 12.67 -4.92
CA ARG C 51 2.01 13.52 -6.01
C ARG C 51 1.79 14.97 -5.56
N GLY C 52 2.64 15.46 -4.67
CA GLY C 52 2.60 16.84 -4.23
C GLY C 52 3.67 17.69 -4.92
N VAL C 53 3.53 19.00 -4.75
CA VAL C 53 4.54 19.94 -5.23
C VAL C 53 5.24 20.66 -4.08
N GLY C 54 4.80 20.43 -2.84
CA GLY C 54 5.53 20.87 -1.67
C GLY C 54 5.27 19.91 -0.53
N LEU C 55 6.10 20.01 0.51
CA LEU C 55 5.89 19.23 1.73
C LEU C 55 6.61 19.93 2.85
N ALA C 56 5.93 20.11 3.97
CA ALA C 56 6.50 20.77 5.13
C ALA C 56 6.80 19.73 6.19
N ALA C 57 7.89 19.95 6.94
CA ALA C 57 8.28 18.93 7.91
C ALA C 57 7.19 18.55 8.91
N PRO C 58 6.34 19.46 9.41
CA PRO C 58 5.28 19.00 10.33
C PRO C 58 4.32 17.98 9.73
N GLN C 59 4.17 17.96 8.40
CA GLN C 59 3.29 16.98 7.77
C GLN C 59 3.81 15.56 7.88
N ILE C 60 5.07 15.35 8.24
CA ILE C 60 5.57 14.01 8.55
C ILE C 60 5.91 13.89 10.03
N GLY C 61 5.41 14.81 10.85
CA GLY C 61 5.58 14.72 12.29
C GLY C 61 6.90 15.25 12.81
N VAL C 62 7.57 16.10 12.04
CA VAL C 62 8.85 16.68 12.44
C VAL C 62 8.63 18.17 12.61
N SER C 63 8.74 18.65 13.86
CA SER C 63 8.36 20.03 14.17
C SER C 63 9.52 20.98 13.89
N LEU C 64 9.81 21.15 12.61
CA LEU C 64 10.90 22.02 12.16
C LEU C 64 10.41 22.92 11.04
N ARG C 65 10.94 24.15 11.01
CA ARG C 65 10.53 25.15 10.00
C ARG C 65 11.32 24.87 8.71
N LEU C 66 10.84 23.85 8.00
CA LEU C 66 11.57 23.28 6.87
C LEU C 66 10.54 22.75 5.88
N SER C 67 10.71 23.13 4.61
CA SER C 67 9.81 22.64 3.57
C SER C 67 10.60 22.40 2.30
N VAL C 68 10.19 21.39 1.54
CA VAL C 68 10.74 21.12 0.22
C VAL C 68 9.65 21.45 -0.80
N ILE C 69 10.07 21.97 -1.96
CA ILE C 69 9.16 22.45 -2.99
C ILE C 69 9.70 22.07 -4.38
N ASP C 70 8.82 21.58 -5.26
CA ASP C 70 9.18 21.44 -6.67
C ASP C 70 7.90 21.56 -7.49
N ILE C 71 7.67 22.74 -8.05
CA ILE C 71 6.47 23.00 -8.85
CA ILE C 71 6.45 22.95 -8.83
C ILE C 71 6.62 22.48 -10.27
N VAL C 72 7.86 22.26 -10.71
CA VAL C 72 8.17 21.96 -12.09
C VAL C 72 8.43 20.47 -12.31
N GLY C 73 9.12 19.81 -11.38
CA GLY C 73 9.59 18.45 -11.63
C GLY C 73 10.96 18.46 -12.25
N ASP C 74 11.95 18.89 -11.48
CA ASP C 74 13.31 19.11 -11.98
C ASP C 74 14.23 19.24 -10.78
N LYS C 75 15.29 18.43 -10.71
CA LYS C 75 16.20 18.54 -9.57
C LYS C 75 16.83 19.93 -9.51
N LYS C 76 16.97 20.59 -10.66
CA LYS C 76 17.48 21.96 -10.68
C LYS C 76 16.46 22.97 -10.18
N GLU C 77 15.17 22.68 -10.34
CA GLU C 77 14.12 23.56 -9.85
C GLU C 77 13.67 23.21 -8.43
N GLN C 78 14.41 22.35 -7.74
CA GLN C 78 14.06 22.00 -6.37
C GLN C 78 14.38 23.15 -5.45
N ILE C 79 13.44 23.47 -4.57
CA ILE C 79 13.60 24.54 -3.59
C ILE C 79 13.51 23.92 -2.20
N VAL C 80 14.43 24.31 -1.32
CA VAL C 80 14.32 24.01 0.11
C VAL C 80 14.28 25.34 0.85
N ILE C 81 13.24 25.54 1.67
CA ILE C 81 13.16 26.72 2.52
C ILE C 81 13.32 26.29 3.97
N VAL C 82 14.37 26.80 4.61
CA VAL C 82 14.64 26.56 6.03
C VAL C 82 14.49 27.89 6.77
N ASN C 83 13.73 27.88 7.87
CA ASN C 83 13.42 29.07 8.64
C ASN C 83 12.98 30.25 7.75
N PRO C 84 11.96 30.06 6.92
CA PRO C 84 11.57 31.12 5.99
C PRO C 84 10.86 32.26 6.70
N GLU C 85 10.95 33.43 6.08
CA GLU C 85 10.20 34.60 6.51
C GLU C 85 9.67 35.28 5.27
N ILE C 86 8.40 35.65 5.30
CA ILE C 86 7.83 36.45 4.22
C ILE C 86 8.24 37.90 4.45
N VAL C 87 8.98 38.46 3.50
CA VAL C 87 9.44 39.83 3.61
C VAL C 87 8.56 40.81 2.86
N SER C 88 7.77 40.34 1.89
CA SER C 88 6.82 41.22 1.20
C SER C 88 5.83 40.34 0.45
N SER C 89 4.68 40.93 0.14
CA SER C 89 3.63 40.22 -0.59
C SER C 89 2.72 41.25 -1.22
N HIS C 90 2.16 40.89 -2.37
CA HIS C 90 1.37 41.85 -3.12
C HIS C 90 0.28 41.12 -3.89
N GLY C 91 -0.84 41.83 -4.08
CA GLY C 91 -1.93 41.28 -4.85
C GLY C 91 -2.73 40.23 -4.09
N GLU C 92 -3.84 39.82 -4.69
CA GLU C 92 -4.62 38.71 -4.20
C GLU C 92 -5.05 37.90 -5.42
N LYS C 93 -4.93 36.59 -5.34
CA LYS C 93 -5.30 35.73 -6.45
C LYS C 93 -5.99 34.50 -5.88
N GLU C 94 -7.02 34.03 -6.58
CA GLU C 94 -7.66 32.80 -6.14
C GLU C 94 -6.98 31.61 -6.82
N PHE C 95 -6.78 30.56 -6.05
CA PHE C 95 -6.14 29.35 -6.51
C PHE C 95 -7.00 28.15 -6.16
N GLU C 96 -7.03 27.17 -7.04
CA GLU C 96 -7.58 25.87 -6.72
C GLU C 96 -6.51 25.05 -6.01
N GLU C 97 -6.80 24.57 -4.80
CA GLU C 97 -5.76 24.03 -3.91
C GLU C 97 -6.21 22.76 -3.20
N GLY C 98 -5.27 21.82 -3.05
CA GLY C 98 -5.43 20.71 -2.13
C GLY C 98 -4.20 20.63 -1.22
N CYS C 99 -4.22 19.63 -0.35
CA CYS C 99 -3.16 19.51 0.66
C CYS C 99 -2.91 18.03 0.92
N LEU C 100 -1.63 17.65 1.03
CA LEU C 100 -1.34 16.24 1.29
C LEU C 100 -1.81 15.79 2.67
N SER C 101 -2.05 16.73 3.58
CA SER C 101 -2.57 16.41 4.91
C SER C 101 -4.08 16.52 4.97
N VAL C 102 -4.74 16.87 3.87
CA VAL C 102 -6.20 16.83 3.80
C VAL C 102 -6.58 16.09 2.53
N PRO C 103 -6.25 14.82 2.41
CA PRO C 103 -6.45 14.11 1.14
C PRO C 103 -7.92 14.13 0.74
N GLY C 104 -8.16 14.45 -0.53
CA GLY C 104 -9.49 14.44 -1.09
C GLY C 104 -10.14 15.80 -1.17
N ALA C 105 -9.67 16.76 -0.38
CA ALA C 105 -10.30 18.08 -0.34
C ALA C 105 -9.63 19.02 -1.33
N TYR C 106 -10.46 19.65 -2.18
CA TYR C 106 -10.00 20.67 -3.11
C TYR C 106 -10.93 21.87 -2.99
N ASP C 107 -10.34 23.06 -2.88
CA ASP C 107 -11.15 24.25 -2.75
C ASP C 107 -10.41 25.43 -3.34
N THR C 108 -11.16 26.45 -3.72
CA THR C 108 -10.56 27.73 -4.09
CA THR C 108 -10.55 27.72 -4.09
C THR C 108 -10.20 28.49 -2.83
N VAL C 109 -8.96 29.01 -2.78
CA VAL C 109 -8.53 29.86 -1.69
C VAL C 109 -7.95 31.13 -2.29
N VAL C 110 -7.97 32.21 -1.50
CA VAL C 110 -7.34 33.47 -1.89
C VAL C 110 -6.03 33.60 -1.14
N ARG C 111 -4.95 33.83 -1.89
CA ARG C 111 -3.64 34.07 -1.31
C ARG C 111 -2.99 35.23 -2.05
N ALA C 112 -1.84 35.69 -1.55
CA ALA C 112 -1.13 36.75 -2.24
C ALA C 112 -0.72 36.28 -3.63
N GLU C 113 -0.80 37.18 -4.60
CA GLU C 113 -0.39 36.84 -5.96
C GLU C 113 1.13 36.77 -6.09
N LYS C 114 1.84 37.58 -5.31
CA LYS C 114 3.29 37.63 -5.34
C LYS C 114 3.80 37.68 -3.92
N VAL C 115 4.85 36.92 -3.63
CA VAL C 115 5.47 36.91 -2.31
CA VAL C 115 5.47 36.92 -2.31
C VAL C 115 6.98 36.83 -2.49
N THR C 116 7.71 37.47 -1.58
CA THR C 116 9.15 37.34 -1.49
C THR C 116 9.48 36.71 -0.15
N VAL C 117 10.26 35.64 -0.18
CA VAL C 117 10.60 34.86 0.99
C VAL C 117 12.10 34.89 1.17
N LYS C 118 12.55 35.19 2.38
CA LYS C 118 13.96 35.03 2.75
C LYS C 118 14.08 33.79 3.62
N ALA C 119 15.11 33.00 3.36
CA ALA C 119 15.25 31.72 4.06
C ALA C 119 16.71 31.30 4.00
N LEU C 120 17.00 30.16 4.60
CA LEU C 120 18.24 29.44 4.38
C LEU C 120 17.97 28.27 3.45
N ASP C 121 18.95 27.96 2.60
CA ASP C 121 18.81 26.83 1.69
C ASP C 121 19.15 25.54 2.45
N ARG C 122 19.22 24.42 1.74
CA ARG C 122 19.38 23.15 2.42
C ARG C 122 20.72 23.01 3.12
N PHE C 123 21.69 23.88 2.80
CA PHE C 123 23.00 23.84 3.44
C PHE C 123 23.19 24.97 4.45
N GLY C 124 22.15 25.76 4.72
CA GLY C 124 22.21 26.82 5.70
C GLY C 124 22.64 28.16 5.16
N LYS C 125 22.72 28.30 3.84
CA LYS C 125 23.17 29.59 3.34
CA LYS C 125 23.18 29.57 3.29
C LYS C 125 21.99 30.45 2.92
N PRO C 126 22.05 31.76 3.21
CA PRO C 126 20.90 32.62 2.94
C PRO C 126 20.56 32.69 1.46
N PHE C 127 19.26 32.82 1.19
CA PHE C 127 18.80 33.14 -0.15
C PHE C 127 17.43 33.80 -0.03
N GLU C 128 17.03 34.45 -1.13
CA GLU C 128 15.69 35.00 -1.24
C GLU C 128 15.11 34.57 -2.58
N ILE C 129 13.79 34.45 -2.60
CA ILE C 129 13.09 34.04 -3.81
C ILE C 129 11.77 34.80 -3.86
N THR C 130 11.43 35.32 -5.04
CA THR C 130 10.16 35.97 -5.28
C THR C 130 9.34 35.04 -6.18
N GLY C 131 8.14 34.70 -5.72
CA GLY C 131 7.28 33.76 -6.44
C GLY C 131 5.99 34.45 -6.85
N GLU C 132 5.50 34.12 -8.03
CA GLU C 132 4.15 34.46 -8.47
C GLU C 132 3.43 33.18 -8.87
N GLY C 133 2.11 33.26 -8.93
CA GLY C 133 1.35 32.11 -9.34
C GLY C 133 1.54 30.93 -8.42
N LEU C 134 1.69 29.74 -9.02
CA LEU C 134 1.79 28.51 -8.23
C LEU C 134 2.90 28.57 -7.18
N LEU C 135 4.06 29.15 -7.53
CA LEU C 135 5.15 29.22 -6.57
C LEU C 135 4.78 30.09 -5.38
N ALA C 136 4.14 31.25 -5.62
CA ALA C 136 3.69 32.06 -4.51
C ALA C 136 2.69 31.32 -3.66
N GLU C 137 1.75 30.63 -4.31
CA GLU C 137 0.75 29.85 -3.59
C GLU C 137 1.42 28.80 -2.74
N CYS C 138 2.40 28.09 -3.31
CA CYS C 138 3.08 27.01 -2.60
C CYS C 138 3.87 27.56 -1.41
N LEU C 139 4.62 28.64 -1.61
CA LEU C 139 5.40 29.21 -0.52
C LEU C 139 4.51 29.57 0.66
N GLN C 140 3.36 30.19 0.38
CA GLN C 140 2.45 30.58 1.47
C GLN C 140 1.84 29.36 2.15
N HIS C 141 1.44 28.37 1.36
CA HIS C 141 0.89 27.12 1.90
C HIS C 141 1.90 26.41 2.80
N GLU C 142 3.17 26.36 2.38
CA GLU C 142 4.15 25.65 3.19
C GLU C 142 4.42 26.40 4.48
N ILE C 143 4.56 27.73 4.40
CA ILE C 143 4.85 28.49 5.62
C ILE C 143 3.68 28.39 6.58
N ASP C 144 2.44 28.38 6.06
CA ASP C 144 1.28 28.16 6.91
C ASP C 144 1.43 26.89 7.74
N HIS C 145 1.87 25.80 7.10
CA HIS C 145 2.06 24.53 7.81
C HIS C 145 3.04 24.69 8.98
N MET C 146 4.06 25.53 8.83
CA MET C 146 5.02 25.73 9.91
C MET C 146 4.42 26.49 11.08
N ASN C 147 3.29 27.15 10.85
CA ASN C 147 2.58 27.87 11.90
C ASN C 147 1.31 27.15 12.33
N GLY C 148 1.19 25.85 12.03
CA GLY C 148 0.04 25.07 12.45
C GLY C 148 -1.23 25.41 11.72
N LYS C 149 -1.12 25.98 10.52
CA LYS C 149 -2.26 26.44 9.75
CA LYS C 149 -2.24 26.48 9.73
C LYS C 149 -2.43 25.59 8.50
N LEU C 150 -3.66 25.22 8.21
CA LEU C 150 -3.98 24.43 7.04
C LEU C 150 -5.01 25.16 6.22
N PHE C 151 -5.06 24.85 4.92
CA PHE C 151 -5.82 25.70 4.01
C PHE C 151 -7.32 25.67 4.30
N VAL C 152 -7.82 24.60 4.93
CA VAL C 152 -9.24 24.56 5.25
C VAL C 152 -9.62 25.58 6.31
N ASP C 153 -8.64 26.11 7.05
CA ASP C 153 -8.95 27.09 8.08
C ASP C 153 -9.49 28.38 7.48
N MET C 154 -9.14 28.68 6.24
CA MET C 154 -9.56 29.93 5.62
C MET C 154 -10.83 29.78 4.78
N LEU C 155 -11.44 28.58 4.76
CA LEU C 155 -12.65 28.36 3.99
C LEU C 155 -13.90 28.76 4.78
N SER C 156 -14.99 28.95 4.05
CA SER C 156 -16.29 29.13 4.69
C SER C 156 -16.63 27.92 5.56
N PRO C 157 -17.48 28.08 6.59
CA PRO C 157 -17.89 26.91 7.38
CA PRO C 157 -17.89 26.92 7.38
C PRO C 157 -18.44 25.78 6.54
N LEU C 158 -19.26 26.08 5.54
CA LEU C 158 -19.80 25.03 4.67
C LEU C 158 -18.69 24.28 3.96
N LYS C 159 -17.76 25.00 3.33
CA LYS C 159 -16.69 24.32 2.59
C LYS C 159 -15.76 23.57 3.53
N ARG C 160 -15.54 24.09 4.73
CA ARG C 160 -14.74 23.37 5.71
C ARG C 160 -15.42 22.07 6.13
N MET C 161 -16.73 22.12 6.38
CA MET C 161 -17.47 20.89 6.71
C MET C 161 -17.45 19.91 5.55
N MET C 162 -17.60 20.41 4.32
CA MET C 162 -17.54 19.53 3.16
C MET C 162 -16.16 18.93 2.97
N ALA C 163 -15.10 19.69 3.29
CA ALA C 163 -13.75 19.13 3.20
C ALA C 163 -13.54 18.03 4.22
N ARG C 164 -14.03 18.23 5.45
CA ARG C 164 -13.88 17.21 6.47
C ARG C 164 -14.68 15.96 6.12
N ARG C 165 -15.84 16.13 5.49
CA ARG C 165 -16.63 14.96 5.09
C ARG C 165 -15.91 14.16 4.02
N LYS C 166 -15.29 14.84 3.04
CA LYS C 166 -14.49 14.14 2.04
C LYS C 166 -13.31 13.42 2.67
N LEU C 167 -12.62 14.10 3.59
CA LEU C 167 -11.49 13.46 4.28
C LEU C 167 -11.95 12.24 5.06
N ASP C 168 -13.08 12.32 5.77
CA ASP C 168 -13.60 11.18 6.51
C ASP C 168 -13.91 10.01 5.56
N LYS C 169 -14.51 10.30 4.41
CA LYS C 169 -14.81 9.24 3.45
C LYS C 169 -13.52 8.63 2.90
N PHE C 170 -12.53 9.47 2.60
CA PHE C 170 -11.25 8.97 2.16
C PHE C 170 -10.69 7.96 3.15
N LYS C 171 -10.71 8.31 4.44
CA LYS C 171 -10.15 7.42 5.44
C LYS C 171 -10.91 6.10 5.49
N ARG C 172 -12.23 6.15 5.31
CA ARG C 172 -13.02 4.92 5.33
C ARG C 172 -12.68 4.04 4.13
N LEU C 173 -12.36 4.64 3.00
CA LEU C 173 -12.04 3.87 1.80
C LEU C 173 -10.64 3.27 1.89
N GLN C 174 -9.69 4.00 2.46
CA GLN C 174 -8.35 3.46 2.66
C GLN C 174 -8.40 2.22 3.54
N ALA C 175 -9.35 2.14 4.47
CA ALA C 175 -9.50 0.96 5.30
C ALA C 175 -10.02 -0.24 4.53
N ARG C 176 -10.58 -0.02 3.34
CA ARG C 176 -11.10 -1.09 2.50
C ARG C 176 -10.20 -1.35 1.30
N LYS C 177 -9.12 -0.60 1.15
CA LYS C 177 -8.19 -0.82 0.06
C LYS C 177 -7.41 -2.11 0.31
N PRO C 178 -7.18 -2.93 -0.72
CA PRO C 178 -6.42 -4.17 -0.49
C PRO C 178 -5.09 -3.94 0.21
N HIS D 7 -23.13 -5.15 -4.54
CA HIS D 7 -23.17 -3.71 -4.31
C HIS D 7 -21.82 -3.08 -4.63
N HIS D 8 -20.91 -3.16 -3.67
CA HIS D 8 -19.52 -2.76 -3.87
C HIS D 8 -18.65 -4.01 -3.87
N MET D 9 -17.82 -4.15 -4.88
CA MET D 9 -16.94 -5.30 -4.98
C MET D 9 -15.55 -4.97 -4.47
N ALA D 10 -14.84 -4.11 -5.17
CA ALA D 10 -13.43 -3.91 -4.90
C ALA D 10 -12.98 -2.56 -5.47
N ILE D 11 -12.15 -1.85 -4.70
CA ILE D 11 -11.40 -0.73 -5.25
C ILE D 11 -10.49 -1.28 -6.35
N ARG D 12 -10.40 -0.56 -7.46
CA ARG D 12 -9.72 -1.05 -8.65
C ARG D 12 -8.37 -0.39 -8.81
N LYS D 13 -7.45 -1.12 -9.47
CA LYS D 13 -6.19 -0.54 -9.88
C LYS D 13 -6.40 0.46 -11.01
N ILE D 14 -5.84 1.67 -10.84
CA ILE D 14 -5.86 2.70 -11.88
C ILE D 14 -4.61 2.52 -12.73
N LEU D 15 -4.78 2.57 -14.04
CA LEU D 15 -3.69 2.39 -14.97
C LEU D 15 -2.98 3.70 -15.24
N TYR D 16 -1.66 3.62 -15.46
CA TYR D 16 -0.87 4.80 -15.78
C TYR D 16 -0.33 4.71 -17.20
N LEU D 17 -0.11 5.88 -17.81
CA LEU D 17 0.66 5.91 -19.04
C LEU D 17 1.97 5.17 -18.82
N PRO D 18 2.48 4.42 -19.83
CA PRO D 18 1.98 4.33 -21.19
C PRO D 18 1.06 3.13 -21.50
N ASP D 19 0.33 2.62 -20.50
CA ASP D 19 -0.54 1.46 -20.72
C ASP D 19 -1.43 1.67 -21.95
N GLU D 20 -1.35 0.73 -22.90
CA GLU D 20 -2.05 0.88 -24.17
C GLU D 20 -3.56 0.91 -24.01
N ARG D 21 -4.08 0.38 -22.90
CA ARG D 21 -5.53 0.42 -22.67
C ARG D 21 -6.03 1.84 -22.45
N LEU D 22 -5.15 2.76 -22.05
CA LEU D 22 -5.51 4.16 -21.96
C LEU D 22 -5.66 4.82 -23.32
N ARG D 23 -5.17 4.17 -24.39
CA ARG D 23 -5.23 4.74 -25.73
C ARG D 23 -6.32 4.10 -26.59
N LYS D 24 -7.06 3.13 -26.07
CA LYS D 24 -8.17 2.57 -26.82
C LYS D 24 -9.29 3.61 -26.96
N ILE D 25 -10.16 3.38 -27.94
CA ILE D 25 -11.41 4.10 -28.03
C ILE D 25 -12.47 3.22 -27.37
N ALA D 26 -13.06 3.71 -26.29
CA ALA D 26 -14.00 2.92 -25.51
C ALA D 26 -15.27 2.65 -26.30
N LYS D 27 -15.89 1.48 -26.03
CA LYS D 27 -17.13 1.08 -26.68
C LYS D 27 -18.34 1.55 -25.88
N PRO D 28 -19.44 1.88 -26.55
CA PRO D 28 -20.62 2.34 -25.82
C PRO D 28 -21.17 1.26 -24.90
N VAL D 29 -21.73 1.69 -23.78
CA VAL D 29 -22.40 0.77 -22.87
C VAL D 29 -23.73 0.35 -23.50
N GLU D 30 -23.99 -0.97 -23.49
CA GLU D 30 -25.20 -1.49 -24.10
C GLU D 30 -26.12 -2.23 -23.15
N THR D 31 -25.63 -2.65 -21.98
CA THR D 31 -26.42 -3.44 -21.04
C THR D 31 -26.40 -2.77 -19.68
N PHE D 32 -27.59 -2.43 -19.17
CA PHE D 32 -27.73 -1.82 -17.83
C PHE D 32 -28.24 -2.91 -16.89
N ASP D 33 -27.30 -3.64 -16.30
CA ASP D 33 -27.59 -4.73 -15.37
C ASP D 33 -26.88 -4.48 -14.05
N GLU D 34 -27.02 -5.44 -13.13
CA GLU D 34 -26.42 -5.26 -11.80
C GLU D 34 -24.90 -5.17 -11.88
N SER D 35 -24.28 -5.90 -12.82
CA SER D 35 -22.82 -5.82 -12.98
C SER D 35 -22.38 -4.40 -13.31
N LEU D 36 -23.16 -3.69 -14.12
CA LEU D 36 -22.83 -2.30 -14.42
C LEU D 36 -22.91 -1.43 -13.17
N GLN D 37 -23.93 -1.67 -12.33
CA GLN D 37 -24.06 -0.88 -11.10
C GLN D 37 -22.89 -1.14 -10.17
N THR D 38 -22.48 -2.40 -10.03
CA THR D 38 -21.30 -2.72 -9.23
C THR D 38 -20.07 -2.01 -9.77
N LEU D 39 -19.88 -2.04 -11.09
CA LEU D 39 -18.75 -1.32 -11.69
C LEU D 39 -18.78 0.16 -11.32
N ILE D 40 -19.94 0.80 -11.47
CA ILE D 40 -20.06 2.23 -11.17
C ILE D 40 -19.76 2.51 -9.71
N ASN D 41 -20.29 1.69 -8.80
CA ASN D 41 -20.03 1.87 -7.38
C ASN D 41 -18.54 1.75 -7.09
N ASP D 42 -17.88 0.74 -7.67
CA ASP D 42 -16.44 0.57 -7.46
C ASP D 42 -15.64 1.72 -8.07
N MET D 43 -16.11 2.27 -9.18
CA MET D 43 -15.42 3.41 -9.78
C MET D 43 -15.48 4.63 -8.87
N PHE D 44 -16.65 4.90 -8.27
CA PHE D 44 -16.71 6.01 -7.30
C PHE D 44 -15.75 5.76 -6.15
N ASP D 45 -15.78 4.55 -5.57
CA ASP D 45 -14.86 4.23 -4.48
C ASP D 45 -13.41 4.45 -4.91
N THR D 46 -13.08 3.98 -6.11
CA THR D 46 -11.71 4.09 -6.61
C THR D 46 -11.32 5.54 -6.79
N MET D 47 -12.24 6.34 -7.35
CA MET D 47 -12.01 7.77 -7.54
C MET D 47 -11.74 8.49 -6.23
N TYR D 48 -12.62 8.32 -5.24
CA TYR D 48 -12.41 8.98 -3.96
C TYR D 48 -11.13 8.50 -3.29
N ASP D 49 -10.86 7.19 -3.35
CA ASP D 49 -9.66 6.68 -2.73
C ASP D 49 -8.39 7.23 -3.37
N ALA D 50 -8.46 7.59 -4.65
CA ALA D 50 -7.32 8.14 -5.36
C ALA D 50 -7.29 9.67 -5.33
N ARG D 51 -8.17 10.31 -4.54
CA ARG D 51 -8.24 11.77 -4.41
C ARG D 51 -8.54 12.46 -5.74
N GLY D 52 -9.35 11.81 -6.59
CA GLY D 52 -9.80 12.42 -7.84
C GLY D 52 -11.23 12.98 -7.74
N VAL D 53 -11.59 13.78 -8.74
CA VAL D 53 -12.96 14.28 -8.88
C VAL D 53 -13.67 13.68 -10.08
N GLY D 54 -12.98 12.83 -10.85
CA GLY D 54 -13.61 12.06 -11.90
C GLY D 54 -12.82 10.78 -12.10
N LEU D 55 -13.45 9.83 -12.78
CA LEU D 55 -12.74 8.62 -13.20
C LEU D 55 -13.47 8.06 -14.40
N ALA D 56 -12.71 7.64 -15.41
CA ALA D 56 -13.26 7.05 -16.62
C ALA D 56 -12.93 5.56 -16.65
N ALA D 57 -13.86 4.77 -17.18
CA ALA D 57 -13.67 3.33 -17.15
C ALA D 57 -12.37 2.86 -17.81
N PRO D 58 -11.91 3.42 -18.93
CA PRO D 58 -10.60 3.00 -19.47
C PRO D 58 -9.46 3.16 -18.47
N GLN D 59 -9.59 4.06 -17.49
CA GLN D 59 -8.52 4.23 -16.52
C GLN D 59 -8.39 3.05 -15.56
N ILE D 60 -9.40 2.18 -15.50
CA ILE D 60 -9.28 0.93 -14.75
C ILE D 60 -9.30 -0.27 -15.68
N GLY D 61 -9.03 -0.06 -16.96
CA GLY D 61 -8.90 -1.16 -17.90
C GLY D 61 -10.19 -1.66 -18.50
N VAL D 62 -11.27 -0.90 -18.36
CA VAL D 62 -12.60 -1.29 -18.86
C VAL D 62 -12.93 -0.37 -20.04
N SER D 63 -13.04 -0.94 -21.23
CA SER D 63 -13.18 -0.13 -22.45
C SER D 63 -14.65 0.20 -22.72
N LEU D 64 -15.21 1.00 -21.81
CA LEU D 64 -16.60 1.41 -21.87
C LEU D 64 -16.69 2.93 -21.76
N ARG D 65 -17.63 3.52 -22.49
CA ARG D 65 -17.81 4.97 -22.49
C ARG D 65 -18.61 5.35 -21.25
N LEU D 66 -17.94 5.30 -20.11
CA LEU D 66 -18.56 5.43 -18.81
C LEU D 66 -17.63 6.21 -17.89
N SER D 67 -18.14 7.23 -17.23
CA SER D 67 -17.32 7.97 -16.29
C SER D 67 -18.16 8.35 -15.08
N VAL D 68 -17.50 8.39 -13.93
CA VAL D 68 -18.11 8.90 -12.70
C VAL D 68 -17.44 10.21 -12.35
N ILE D 69 -18.22 11.13 -11.80
CA ILE D 69 -17.75 12.48 -11.49
C ILE D 69 -18.35 12.92 -10.17
N ASP D 70 -17.52 13.51 -9.31
CA ASP D 70 -18.05 14.23 -8.14
C ASP D 70 -17.10 15.37 -7.81
N ILE D 71 -17.50 16.60 -8.20
CA ILE D 71 -16.67 17.81 -8.04
C ILE D 71 -16.59 18.26 -6.59
N VAL D 72 -17.63 18.08 -5.80
CA VAL D 72 -17.68 18.69 -4.47
C VAL D 72 -17.63 17.67 -3.33
N GLY D 73 -17.88 16.39 -3.59
CA GLY D 73 -17.85 15.40 -2.53
C GLY D 73 -19.19 15.26 -1.83
N ASP D 74 -20.20 14.81 -2.57
CA ASP D 74 -21.57 14.79 -2.09
C ASP D 74 -22.28 13.66 -2.82
N LYS D 75 -22.95 12.78 -2.06
CA LYS D 75 -23.71 11.71 -2.68
C LYS D 75 -24.72 12.27 -3.68
N LYS D 76 -25.36 13.39 -3.34
CA LYS D 76 -26.38 14.00 -4.20
C LYS D 76 -25.79 14.78 -5.36
N GLU D 77 -24.49 15.05 -5.37
CA GLU D 77 -23.84 15.71 -6.48
C GLU D 77 -23.04 14.75 -7.35
N GLN D 78 -23.21 13.44 -7.13
CA GLN D 78 -22.56 12.45 -7.98
C GLN D 78 -23.17 12.49 -9.37
N ILE D 79 -22.31 12.43 -10.37
CA ILE D 79 -22.72 12.43 -11.77
C ILE D 79 -22.15 11.19 -12.41
N VAL D 80 -22.98 10.47 -13.17
CA VAL D 80 -22.52 9.39 -14.01
C VAL D 80 -22.87 9.74 -15.45
N ILE D 81 -21.88 9.69 -16.34
CA ILE D 81 -22.12 9.91 -17.76
C ILE D 81 -21.83 8.61 -18.49
N VAL D 82 -22.86 8.09 -19.16
CA VAL D 82 -22.77 6.90 -19.98
C VAL D 82 -23.00 7.31 -21.42
N ASN D 83 -22.15 6.84 -22.32
CA ASN D 83 -22.22 7.17 -23.73
C ASN D 83 -22.43 8.68 -23.96
N PRO D 84 -21.56 9.52 -23.42
CA PRO D 84 -21.76 10.97 -23.52
C PRO D 84 -21.42 11.52 -24.89
N GLU D 85 -22.04 12.64 -25.21
CA GLU D 85 -21.74 13.39 -26.42
C GLU D 85 -21.74 14.87 -26.04
N ILE D 86 -20.64 15.56 -26.35
CA ILE D 86 -20.63 17.01 -26.21
C ILE D 86 -21.44 17.60 -27.36
N VAL D 87 -22.50 18.33 -27.03
CA VAL D 87 -23.34 18.93 -28.06
C VAL D 87 -22.99 20.40 -28.31
N SER D 88 -22.35 21.07 -27.36
CA SER D 88 -21.91 22.44 -27.58
C SER D 88 -20.89 22.80 -26.51
N SER D 89 -20.13 23.85 -26.79
CA SER D 89 -19.23 24.39 -25.78
C SER D 89 -19.00 25.85 -26.11
N HIS D 90 -18.59 26.60 -25.10
CA HIS D 90 -18.41 28.04 -25.26
C HIS D 90 -17.18 28.49 -24.49
N GLY D 91 -16.41 29.37 -25.11
CA GLY D 91 -15.25 29.95 -24.47
C GLY D 91 -14.05 29.02 -24.42
N GLU D 92 -12.94 29.57 -23.98
CA GLU D 92 -11.70 28.82 -23.76
C GLU D 92 -11.04 29.38 -22.51
N LYS D 93 -10.62 28.50 -21.61
CA LYS D 93 -10.15 28.92 -20.31
C LYS D 93 -8.96 28.05 -19.92
N GLU D 94 -7.97 28.66 -19.26
CA GLU D 94 -6.84 27.90 -18.74
C GLU D 94 -7.22 27.25 -17.41
N PHE D 95 -6.93 25.97 -17.27
CA PHE D 95 -7.16 25.21 -16.05
C PHE D 95 -5.85 24.57 -15.61
N GLU D 96 -5.63 24.52 -14.29
CA GLU D 96 -4.54 23.75 -13.73
C GLU D 96 -5.04 22.34 -13.48
N GLU D 97 -4.38 21.33 -14.08
CA GLU D 97 -4.98 20.01 -14.17
C GLU D 97 -3.95 18.91 -13.89
N GLY D 98 -4.42 17.86 -13.22
CA GLY D 98 -3.71 16.60 -13.14
C GLY D 98 -4.64 15.47 -13.56
N CYS D 99 -4.10 14.25 -13.55
CA CYS D 99 -4.84 13.09 -14.04
C CYS D 99 -4.43 11.89 -13.22
N LEU D 100 -5.41 11.06 -12.84
CA LEU D 100 -5.08 9.88 -12.04
C LEU D 100 -4.24 8.86 -12.81
N SER D 101 -4.23 8.93 -14.13
CA SER D 101 -3.44 8.05 -14.96
C SER D 101 -2.10 8.66 -15.36
N VAL D 102 -1.81 9.89 -14.90
CA VAL D 102 -0.49 10.49 -15.06
C VAL D 102 -0.06 11.03 -13.70
N PRO D 103 0.14 10.16 -12.71
CA PRO D 103 0.44 10.63 -11.35
C PRO D 103 1.66 11.54 -11.31
N GLY D 104 1.50 12.65 -10.59
CA GLY D 104 2.59 13.55 -10.34
C GLY D 104 2.68 14.71 -11.31
N ALA D 105 2.01 14.61 -12.46
CA ALA D 105 2.08 15.66 -13.48
C ALA D 105 0.96 16.68 -13.28
N TYR D 106 1.32 17.95 -13.23
CA TYR D 106 0.33 19.01 -13.16
C TYR D 106 0.69 20.07 -14.19
N ASP D 107 -0.30 20.51 -14.96
CA ASP D 107 -0.01 21.51 -15.99
C ASP D 107 -1.24 22.32 -16.28
N THR D 108 -1.01 23.50 -16.86
CA THR D 108 -2.10 24.33 -17.35
CA THR D 108 -2.11 24.32 -17.35
C THR D 108 -2.53 23.81 -18.71
N VAL D 109 -3.84 23.67 -18.89
CA VAL D 109 -4.39 23.25 -20.17
C VAL D 109 -5.52 24.21 -20.50
N VAL D 110 -5.81 24.35 -21.79
CA VAL D 110 -6.91 25.18 -22.25
C VAL D 110 -8.05 24.25 -22.63
N ARG D 111 -9.22 24.50 -22.04
CA ARG D 111 -10.43 23.74 -22.36
C ARG D 111 -11.56 24.75 -22.48
N ALA D 112 -12.71 24.28 -22.99
CA ALA D 112 -13.88 25.13 -23.05
C ALA D 112 -14.31 25.52 -21.63
N GLU D 113 -14.80 26.75 -21.49
CA GLU D 113 -15.26 27.23 -20.19
C GLU D 113 -16.64 26.70 -19.84
N LYS D 114 -17.47 26.46 -20.84
CA LYS D 114 -18.83 25.97 -20.68
C LYS D 114 -19.02 24.84 -21.68
N VAL D 115 -19.65 23.75 -21.24
CA VAL D 115 -19.92 22.61 -22.11
CA VAL D 115 -19.93 22.62 -22.12
C VAL D 115 -21.30 22.07 -21.80
N THR D 116 -21.99 21.59 -22.84
CA THR D 116 -23.26 20.90 -22.68
C THR D 116 -23.10 19.50 -23.21
N VAL D 117 -23.46 18.51 -22.40
CA VAL D 117 -23.25 17.10 -22.70
C VAL D 117 -24.59 16.39 -22.63
N LYS D 118 -24.88 15.57 -23.64
CA LYS D 118 -25.97 14.62 -23.60
C LYS D 118 -25.41 13.24 -23.26
N ALA D 119 -26.09 12.52 -22.37
CA ALA D 119 -25.60 11.22 -21.92
C ALA D 119 -26.76 10.41 -21.40
N LEU D 120 -26.47 9.15 -21.05
CA LEU D 120 -27.38 8.34 -20.26
C LEU D 120 -26.89 8.36 -18.82
N ASP D 121 -27.82 8.36 -17.87
CA ASP D 121 -27.41 8.33 -16.46
C ASP D 121 -27.05 6.89 -16.07
N ARG D 122 -26.77 6.66 -14.80
CA ARG D 122 -26.29 5.33 -14.41
C ARG D 122 -27.34 4.24 -14.62
N PHE D 123 -28.60 4.59 -14.86
CA PHE D 123 -29.65 3.61 -15.10
C PHE D 123 -30.09 3.55 -16.55
N GLY D 124 -29.46 4.33 -17.44
CA GLY D 124 -29.78 4.30 -18.84
C GLY D 124 -30.75 5.35 -19.30
N LYS D 125 -31.12 6.27 -18.44
CA LYS D 125 -32.11 7.29 -18.77
C LYS D 125 -31.40 8.51 -19.36
N PRO D 126 -31.84 8.99 -20.53
CA PRO D 126 -31.20 10.16 -21.14
C PRO D 126 -31.33 11.40 -20.27
N PHE D 127 -30.23 12.17 -20.20
CA PHE D 127 -30.26 13.48 -19.57
C PHE D 127 -29.28 14.38 -20.30
N GLU D 128 -29.38 15.67 -19.99
CA GLU D 128 -28.47 16.68 -20.52
C GLU D 128 -27.94 17.48 -19.34
N ILE D 129 -26.66 17.81 -19.37
CA ILE D 129 -26.02 18.57 -18.32
C ILE D 129 -25.17 19.67 -18.94
N THR D 130 -25.30 20.88 -18.41
CA THR D 130 -24.44 21.99 -18.78
C THR D 130 -23.54 22.31 -17.59
N GLY D 131 -22.23 22.35 -17.84
CA GLY D 131 -21.27 22.61 -16.79
C GLY D 131 -20.40 23.80 -17.15
N GLU D 132 -19.97 24.51 -16.12
CA GLU D 132 -19.02 25.62 -16.25
C GLU D 132 -17.88 25.38 -15.26
N GLY D 133 -16.74 26.02 -15.54
CA GLY D 133 -15.61 25.93 -14.64
C GLY D 133 -15.14 24.49 -14.44
N LEU D 134 -14.93 24.12 -13.17
CA LEU D 134 -14.37 22.81 -12.86
C LEU D 134 -15.22 21.68 -13.44
N LEU D 135 -16.54 21.78 -13.35
CA LEU D 135 -17.37 20.74 -13.92
C LEU D 135 -17.16 20.61 -15.43
N ALA D 136 -17.09 21.76 -16.14
CA ALA D 136 -16.83 21.71 -17.58
C ALA D 136 -15.48 21.08 -17.88
N GLU D 137 -14.46 21.49 -17.14
CA GLU D 137 -13.13 20.90 -17.29
C GLU D 137 -13.19 19.39 -17.11
N CYS D 138 -13.87 18.95 -16.05
CA CYS D 138 -13.91 17.52 -15.75
C CYS D 138 -14.67 16.75 -16.83
N LEU D 139 -15.82 17.26 -17.29
CA LEU D 139 -16.55 16.58 -18.35
C LEU D 139 -15.68 16.38 -19.59
N GLN D 140 -14.93 17.42 -19.99
CA GLN D 140 -14.08 17.30 -21.16
C GLN D 140 -12.93 16.32 -20.91
N HIS D 141 -12.34 16.37 -19.72
CA HIS D 141 -11.24 15.47 -19.38
C HIS D 141 -11.69 14.00 -19.41
N GLU D 142 -12.88 13.71 -18.87
CA GLU D 142 -13.35 12.32 -18.84
C GLU D 142 -13.70 11.83 -20.23
N ILE D 143 -14.37 12.66 -21.04
CA ILE D 143 -14.73 12.22 -22.37
C ILE D 143 -13.47 12.01 -23.21
N ASP D 144 -12.44 12.85 -22.99
CA ASP D 144 -11.17 12.61 -23.67
C ASP D 144 -10.66 11.19 -23.40
N HIS D 145 -10.74 10.74 -22.15
CA HIS D 145 -10.28 9.39 -21.81
C HIS D 145 -11.01 8.33 -22.62
N MET D 146 -12.29 8.56 -22.92
CA MET D 146 -13.05 7.58 -23.68
C MET D 146 -12.63 7.52 -25.13
N ASN D 147 -11.90 8.55 -25.59
CA ASN D 147 -11.35 8.57 -26.93
C ASN D 147 -9.85 8.34 -26.95
N GLY D 148 -9.30 7.75 -25.89
CA GLY D 148 -7.89 7.46 -25.82
C GLY D 148 -7.00 8.68 -25.74
N LYS D 149 -7.54 9.80 -25.25
CA LYS D 149 -6.81 11.05 -25.16
C LYS D 149 -6.56 11.39 -23.70
N LEU D 150 -5.33 11.83 -23.42
CA LEU D 150 -4.95 12.26 -22.09
C LEU D 150 -4.44 13.69 -22.16
N PHE D 151 -4.43 14.37 -21.01
CA PHE D 151 -4.23 15.81 -21.05
C PHE D 151 -2.83 16.19 -21.46
N VAL D 152 -1.85 15.28 -21.26
CA VAL D 152 -0.48 15.59 -21.68
C VAL D 152 -0.38 15.70 -23.19
N ASP D 153 -1.36 15.18 -23.94
CA ASP D 153 -1.30 15.26 -25.40
C ASP D 153 -1.43 16.69 -25.89
N MET D 154 -2.07 17.56 -25.10
CA MET D 154 -2.29 18.95 -25.46
C MET D 154 -1.11 19.85 -25.12
N LEU D 155 -0.13 19.36 -24.37
CA LEU D 155 0.93 20.20 -23.87
C LEU D 155 2.01 20.44 -24.93
N SER D 156 2.82 21.47 -24.68
CA SER D 156 4.00 21.69 -25.49
C SER D 156 4.93 20.49 -25.38
N PRO D 157 5.78 20.25 -26.38
CA PRO D 157 6.75 19.15 -26.28
C PRO D 157 7.58 19.19 -24.99
N LEU D 158 8.02 20.38 -24.57
CA LEU D 158 8.78 20.49 -23.33
C LEU D 158 7.95 20.03 -22.15
N LYS D 159 6.70 20.50 -22.04
CA LYS D 159 5.88 20.14 -20.88
C LYS D 159 5.48 18.66 -20.91
N ARG D 160 5.27 18.12 -22.11
CA ARG D 160 4.98 16.69 -22.25
C ARG D 160 6.17 15.87 -21.77
N MET D 161 7.38 16.27 -22.13
CA MET D 161 8.56 15.53 -21.70
C MET D 161 8.78 15.67 -20.20
N MET D 162 8.52 16.85 -19.64
CA MET D 162 8.68 17.02 -18.21
C MET D 162 7.65 16.21 -17.43
N ALA D 163 6.43 16.09 -17.97
CA ALA D 163 5.42 15.26 -17.33
C ALA D 163 5.82 13.79 -17.34
N ARG D 164 6.38 13.32 -18.46
CA ARG D 164 6.82 11.93 -18.52
C ARG D 164 7.97 11.70 -17.55
N ARG D 165 8.86 12.67 -17.39
CA ARG D 165 9.94 12.52 -16.43
C ARG D 165 9.41 12.43 -15.01
N LYS D 166 8.44 13.29 -14.65
CA LYS D 166 7.83 13.21 -13.34
C LYS D 166 7.15 11.87 -13.12
N LEU D 167 6.44 11.39 -14.14
CA LEU D 167 5.76 10.10 -14.03
C LEU D 167 6.75 8.96 -13.83
N ASP D 168 7.87 8.97 -14.58
CA ASP D 168 8.89 7.94 -14.42
C ASP D 168 9.47 7.96 -13.01
N LYS D 169 9.72 9.16 -12.47
CA LYS D 169 10.26 9.25 -11.11
C LYS D 169 9.26 8.74 -10.10
N PHE D 170 7.98 9.07 -10.28
CA PHE D 170 6.94 8.55 -9.39
C PHE D 170 6.96 7.03 -9.37
N LYS D 171 7.06 6.42 -10.56
CA LYS D 171 7.10 4.96 -10.63
C LYS D 171 8.29 4.38 -9.88
N ARG D 172 9.47 5.01 -10.01
CA ARG D 172 10.63 4.54 -9.26
C ARG D 172 10.40 4.62 -7.76
N LEU D 173 9.79 5.72 -7.30
CA LEU D 173 9.59 5.90 -5.86
C LEU D 173 8.58 4.91 -5.32
N GLN D 174 7.52 4.63 -6.10
CA GLN D 174 6.53 3.64 -5.67
C GLN D 174 7.16 2.28 -5.46
N ALA D 175 8.20 1.96 -6.23
CA ALA D 175 8.92 0.70 -6.04
C ALA D 175 9.74 0.69 -4.76
N ARG D 176 10.01 1.85 -4.16
CA ARG D 176 10.75 1.98 -2.92
C ARG D 176 9.84 2.16 -1.71
N LYS D 177 8.54 2.22 -1.90
CA LYS D 177 7.66 2.57 -0.80
C LYS D 177 7.50 1.38 0.14
N PRO D 178 7.58 1.59 1.46
CA PRO D 178 7.44 0.52 2.44
C PRO D 178 6.05 -0.11 2.44
ZN ZN E . -7.02 -18.49 7.16
C5 BB2 F . -3.95 -18.97 4.34
C3 BB2 F . -5.33 -18.73 4.92
O4 BB2 F . -5.50 -17.92 5.82
N1 BB2 F . -6.32 -19.43 4.41
O2 BB2 F . -7.44 -19.20 5.20
C6 BB2 F . -3.13 -19.82 5.29
C12 BB2 F . -1.68 -19.55 5.00
O13 BB2 F . -1.23 -19.51 3.86
C7 BB2 F . -3.42 -21.32 5.17
C8 BB2 F . -2.78 -22.01 6.40
C9 BB2 F . -2.99 -23.51 6.52
C10 BB2 F . -1.97 -24.31 5.73
C11 BB2 F . -0.56 -23.85 6.04
N14 BB2 F . -0.94 -19.33 6.08
C15 BB2 F . 0.49 -19.16 5.98
C16 BB2 F . 0.87 -17.82 6.63
C18 BB2 F . 2.39 -17.59 6.59
C17 BB2 F . 0.10 -16.64 6.00
C19 BB2 F . 1.18 -20.29 6.69
O20 BB2 F . 0.85 -20.55 7.83
N21 BB2 F . 2.08 -20.98 5.98
C22 BB2 F . 2.72 -22.20 6.50
C23 BB2 F . 2.47 -20.70 4.61
C24 BB2 F . 2.92 -22.04 4.06
C25 BB2 F . 3.31 -22.86 5.26
C26 BB2 F . 3.86 -21.73 7.39
O27 BB2 F . 3.51 -21.97 8.75
S SO4 G . 2.75 0.90 19.13
O1 SO4 G . 1.74 1.76 19.77
O2 SO4 G . 4.08 1.51 19.32
O3 SO4 G . 2.74 -0.42 19.75
O4 SO4 G . 2.47 0.80 17.71
ZN ZN H . 14.77 -13.78 5.85
C5 BB2 I . 11.76 -13.37 8.78
C3 BB2 I . 12.98 -13.05 7.97
O4 BB2 I . 12.99 -13.10 6.76
N1 BB2 I . 14.07 -12.68 8.61
O2 BB2 I . 15.16 -12.56 7.77
C6 BB2 I . 11.48 -14.86 8.71
C12 BB2 I . 10.03 -15.10 8.96
O13 BB2 I . 9.43 -14.51 9.85
C7 BB2 I . 12.31 -15.64 9.73
C8 BB2 I . 12.21 -17.13 9.36
C9 BB2 I . 13.11 -18.04 10.18
C10 BB2 I . 12.41 -18.56 11.43
C11 BB2 I . 11.03 -19.04 11.07
N14 BB2 I . 9.46 -16.00 8.17
C15 BB2 I . 8.08 -16.40 8.37
C16 BB2 I . 7.31 -16.13 7.07
C18 BB2 I . 5.87 -16.62 7.21
C17 BB2 I . 7.32 -14.67 6.64
C19 BB2 I . 8.04 -17.85 8.74
O20 BB2 I . 8.62 -18.70 8.05
N21 BB2 I . 7.40 -18.15 9.87
C22 BB2 I . 7.38 -19.52 10.37
C23 BB2 I . 6.73 -17.22 10.77
C24 BB2 I . 6.75 -17.93 12.12
C25 BB2 I . 6.96 -19.41 11.83
C26 BB2 I . 6.26 -20.22 9.60
O27 BB2 I . 6.82 -20.93 8.50
S SO4 J . 0.32 -13.30 -14.36
O1 SO4 J . -0.52 -13.05 -13.19
O2 SO4 J . 1.27 -12.21 -14.52
O3 SO4 J . 1.03 -14.56 -14.19
O4 SO4 J . -0.52 -13.39 -15.56
ZN ZN K . -0.29 21.10 2.73
C5 BB2 L . 1.32 19.97 -0.95
C3 BB2 L . 1.26 20.23 0.53
O4 BB2 L . 0.31 19.84 1.21
N1 BB2 L . 2.24 20.92 1.06
O2 BB2 L . 1.96 21.25 2.38
C6 BB2 L . 0.30 20.84 -1.68
C12 BB2 L . 0.02 20.18 -2.99
O13 BB2 L . 0.93 19.70 -3.65
C7 BB2 L . 0.81 22.26 -1.94
C8 BB2 L . -0.37 23.09 -2.48
C9 BB2 L . -0.08 24.58 -2.67
C10 BB2 L . 0.59 24.85 -4.01
C11 BB2 L . -0.25 24.32 -5.15
N14 BB2 L . -1.26 20.14 -3.36
C15 BB2 L . -1.66 19.64 -4.66
C16 BB2 L . -2.68 18.53 -4.44
C18 BB2 L . -3.15 17.95 -5.76
C17 BB2 L . -2.09 17.47 -3.51
C19 BB2 L . -2.28 20.78 -5.41
O20 BB2 L . -3.13 21.46 -4.87
N21 BB2 L . -1.82 21.04 -6.62
C22 BB2 L . -2.33 22.17 -7.39
C23 BB2 L . -0.74 20.33 -7.31
C24 BB2 L . -0.22 21.36 -8.30
C25 BB2 L . -1.38 22.30 -8.56
C26 BB2 L . -3.70 21.73 -7.90
O27 BB2 L . -4.32 22.85 -8.53
S SO4 M . -18.59 4.71 2.74
O1 SO4 M . -17.95 4.06 3.87
O2 SO4 M . -18.92 6.10 3.06
O3 SO4 M . -19.81 3.99 2.37
O4 SO4 M . -17.66 4.69 1.60
S SO4 N . -8.46 20.31 13.35
O1 SO4 N . -8.85 21.24 14.40
O2 SO4 N . -7.02 20.08 13.40
O3 SO4 N . -9.16 19.05 13.54
O4 SO4 N . -8.82 20.86 12.04
ZN ZN O . -7.65 11.57 -16.15
C5 BB2 P . -9.39 12.71 -12.47
C3 BB2 P . -9.17 11.88 -13.69
O4 BB2 P . -8.04 11.58 -14.07
N1 BB2 P . -10.23 11.48 -14.37
O2 BB2 P . -9.91 10.92 -15.59
C6 BB2 P . -8.87 14.13 -12.69
C12 BB2 P . -8.56 14.69 -11.34
O13 BB2 P . -9.32 14.48 -10.39
C7 BB2 P . -9.89 14.99 -13.43
C8 BB2 P . -9.25 16.32 -13.85
C9 BB2 P . -10.20 17.25 -14.61
C10 BB2 P . -11.11 18.02 -13.66
C11 BB2 P . -10.32 18.86 -12.68
N14 BB2 P . -7.45 15.40 -11.25
C15 BB2 P . -7.09 16.15 -10.06
C16 BB2 P . -5.67 15.75 -9.65
C18 BB2 P . -5.24 16.49 -8.38
C17 BB2 P . -5.55 14.25 -9.45
C19 BB2 P . -7.15 17.61 -10.39
O20 BB2 P . -6.57 18.05 -11.37
N21 BB2 P . -7.89 18.39 -9.61
C22 BB2 P . -7.96 19.81 -9.89
C23 BB2 P . -8.72 17.98 -8.48
C24 BB2 P . -9.75 19.10 -8.41
C25 BB2 P . -9.13 20.30 -9.06
C26 BB2 P . -6.65 20.40 -9.37
O27 BB2 P . -6.64 21.80 -9.68
S SO4 Q . 15.43 8.36 -8.31
O1 SO4 Q . 14.44 8.54 -7.26
O2 SO4 Q . 16.78 8.35 -7.74
O3 SO4 Q . 15.20 7.09 -8.98
O4 SO4 Q . 15.32 9.46 -9.28
#